data_6TIX
#
_entry.id   6TIX
#
_cell.length_a   48.172
_cell.length_b   84.035
_cell.length_c   87.099
_cell.angle_alpha   112.917
_cell.angle_beta   95.306
_cell.angle_gamma   104.566
#
_symmetry.space_group_name_H-M   'P 1'
#
loop_
_entity.id
_entity.type
_entity.pdbx_description
1 polymer 'Peptidoglycan D,D-transpeptidase MrdA'
2 non-polymer '2-[(1R)-1-{[(E)-azepan-1-ylmethylidene]amino}-2-oxoethyl]-5,5-dimethyl-1,3-thiazolidine-4-carboxylic acid'
3 water water
#
_entity_poly.entity_id   1
_entity_poly.type   'polypeptide(L)'
_entity_poly.pdbx_seq_one_letter_code
;HHHHHHSSGENLYFQGHMDDYSTRSNDNRIKLVPIAPSRGMIFDRNGTPLALNRTIYQLELMPEKIENLSATLNALRPIV
DLTDDDIANFEKERKRSRRFTSIAVKTPLTEVQVARFAVNQFRFPGIEVKGYQRRFYPYGSALTHVIGYVSKINDKDVER
LDKEGILPNYAATHDIGKLGIERYYESTLHGKTGYEEVEVNNRGRVIRQLHEQPPQAGKDIYLTLDLSLQIYIEKLLSGS
RAAVVVTDPRTGGILALVSNPSYDPNLFVDGISNKDYQGLLNDTNRPLINRATQGVYPPASTVKPYIAVSALSAGVITKN
TSLFDPGWWQLPGSEKRYRDWKKWGHGRLNVTKALEESADTFFYQVAYDMGIDRLSSWMSKFGYGEYTGIDLSEERAGLM
PTREWKQKRHKKPWYQGDTIPVGIGQGYWTATPIQMAKSLMTLINDGTVKTPHLLQSTRIDGVLVPYKQEDSTQIGSINS
GYWEIAKDGMYGVANRPNGTGRKFFEGTPYKAAAKSGTAQVYSYETYNASKVAEHLRDHKLMVAFAPYENPTVSVAIILE
NGGAGPAVGTITRQILDHILLGD
;
_entity_poly.pdbx_strand_id   AAA,BBB
#
loop_
_chem_comp.id
_chem_comp.type
_chem_comp.name
_chem_comp.formula
DH4 non-polymer '2-[(1R)-1-{[(E)-azepan-1-ylmethylidene]amino}-2-oxoethyl]-5,5-dimethyl-1,3-thiazolidine-4-carboxylic acid' 'C15 H25 N3 O3 S'
#
# COMPACT_ATOMS: atom_id res chain seq x y z
N VAL A 33 29.27 4.60 22.58
CA VAL A 33 28.05 3.93 23.16
C VAL A 33 27.15 3.45 22.03
N PRO A 34 26.45 2.31 22.22
CA PRO A 34 25.65 1.71 21.17
C PRO A 34 24.39 2.52 20.83
N ILE A 35 24.21 2.80 19.53
CA ILE A 35 22.97 3.39 18.95
C ILE A 35 22.06 2.25 18.48
N ALA A 36 20.94 2.01 19.18
CA ALA A 36 19.88 1.04 18.80
C ALA A 36 19.44 1.33 17.37
N PRO A 37 19.31 0.31 16.49
CA PRO A 37 18.80 0.52 15.14
C PRO A 37 17.26 0.55 15.16
N SER A 38 16.66 1.27 14.20
CA SER A 38 15.19 1.30 14.00
C SER A 38 14.76 -0.05 13.41
N ARG A 39 13.84 -0.73 14.08
CA ARG A 39 13.25 -2.02 13.61
C ARG A 39 12.59 -1.78 12.25
N GLY A 40 12.88 -2.64 11.28
CA GLY A 40 12.19 -2.64 9.97
C GLY A 40 10.69 -2.77 10.15
N MET A 41 9.91 -2.12 9.30
CA MET A 41 8.42 -2.16 9.39
C MET A 41 7.90 -3.43 8.71
N ILE A 42 6.67 -3.79 9.03
CA ILE A 42 5.93 -4.91 8.38
C ILE A 42 4.69 -4.34 7.70
N PHE A 43 4.46 -4.74 6.44
CA PHE A 43 3.37 -4.25 5.55
C PHE A 43 2.62 -5.42 4.92
N ASP A 44 1.32 -5.22 4.65
CA ASP A 44 0.49 -6.15 3.85
C ASP A 44 0.97 -6.09 2.38
N ARG A 45 0.34 -6.84 1.48
CA ARG A 45 0.76 -6.96 0.05
C ARG A 45 0.86 -5.56 -0.58
N ASN A 46 -0.06 -4.66 -0.22
CA ASN A 46 -0.19 -3.31 -0.88
C ASN A 46 0.46 -2.23 0.01
N GLY A 47 1.43 -2.62 0.83
CA GLY A 47 2.31 -1.70 1.57
C GLY A 47 1.64 -1.01 2.74
N THR A 48 0.54 -1.56 3.26
CA THR A 48 -0.21 -1.02 4.41
C THR A 48 0.55 -1.32 5.69
N PRO A 49 1.11 -0.31 6.39
CA PRO A 49 1.85 -0.56 7.63
C PRO A 49 1.04 -1.38 8.63
N LEU A 50 1.56 -2.54 9.05
CA LEU A 50 0.91 -3.48 10.01
C LEU A 50 1.65 -3.46 11.36
N ALA A 51 2.96 -3.23 11.31
CA ALA A 51 3.84 -3.02 12.47
C ALA A 51 4.63 -1.74 12.24
N LEU A 52 4.58 -0.83 13.20
CA LEU A 52 5.10 0.56 13.11
C LEU A 52 6.02 0.85 14.29
N ASN A 53 6.83 1.89 14.17
CA ASN A 53 7.63 2.44 15.28
C ASN A 53 7.08 3.82 15.62
N ARG A 54 6.55 3.99 16.83
CA ARG A 54 6.10 5.29 17.40
C ARG A 54 7.25 5.84 18.24
N THR A 55 7.66 7.09 18.00
CA THR A 55 8.64 7.81 18.83
C THR A 55 8.06 8.03 20.23
N ILE A 56 8.75 7.58 21.26
CA ILE A 56 8.48 7.95 22.68
C ILE A 56 9.62 8.89 23.10
N TYR A 57 9.28 10.13 23.44
CA TYR A 57 10.24 11.13 24.00
C TYR A 57 10.39 10.85 25.49
N GLN A 58 11.64 10.86 25.95
CA GLN A 58 12.03 10.64 27.37
C GLN A 58 12.95 11.78 27.79
N LEU A 59 12.87 12.18 29.06
CA LEU A 59 13.81 13.16 29.67
C LEU A 59 14.84 12.39 30.49
N GLU A 60 16.12 12.74 30.33
CA GLU A 60 17.27 12.04 30.95
C GLU A 60 18.54 12.88 30.76
N LEU A 69 21.03 18.97 41.65
CA LEU A 69 20.50 18.38 42.92
C LEU A 69 19.00 18.06 42.76
N SER A 70 18.41 17.45 43.80
CA SER A 70 16.96 17.18 43.92
C SER A 70 16.17 18.50 43.83
N ALA A 71 16.85 19.64 43.85
CA ALA A 71 16.35 20.97 43.44
C ALA A 71 15.92 20.93 41.96
N THR A 72 16.81 20.49 41.07
CA THR A 72 16.59 20.37 39.59
C THR A 72 15.23 19.72 39.29
N LEU A 73 14.84 18.69 40.04
CA LEU A 73 13.61 17.91 39.80
C LEU A 73 12.37 18.80 40.00
N ASN A 74 12.31 19.54 41.10
CA ASN A 74 11.18 20.47 41.40
C ASN A 74 11.11 21.56 40.33
N ALA A 75 12.26 21.97 39.77
CA ALA A 75 12.39 23.02 38.73
C ALA A 75 11.78 22.52 37.41
N LEU A 76 11.82 21.21 37.16
CA LEU A 76 11.30 20.58 35.90
C LEU A 76 9.78 20.47 35.95
N ARG A 77 9.19 20.38 37.16
CA ARG A 77 7.75 20.10 37.39
C ARG A 77 6.88 21.03 36.53
N PRO A 78 7.09 22.37 36.52
CA PRO A 78 6.32 23.24 35.64
C PRO A 78 6.65 23.14 34.15
N ILE A 79 7.87 22.72 33.80
CA ILE A 79 8.43 22.78 32.42
C ILE A 79 8.02 21.54 31.61
N VAL A 80 7.81 20.40 32.25
CA VAL A 80 7.42 19.13 31.57
C VAL A 80 6.21 18.48 32.28
N ASP A 81 5.60 19.17 33.24
CA ASP A 81 4.47 18.65 34.06
C ASP A 81 4.91 17.39 34.80
N LEU A 82 6.17 17.35 35.25
CA LEU A 82 6.74 16.23 36.05
C LEU A 82 5.92 16.08 37.33
N THR A 83 5.26 14.93 37.48
CA THR A 83 4.29 14.64 38.58
C THR A 83 5.03 13.99 39.76
N ASP A 84 4.41 14.03 40.94
CA ASP A 84 4.87 13.34 42.18
C ASP A 84 5.13 11.86 41.90
N ASP A 85 4.40 11.28 40.94
CA ASP A 85 4.50 9.86 40.53
C ASP A 85 5.79 9.66 39.70
N ASP A 86 6.04 10.54 38.73
CA ASP A 86 7.19 10.46 37.78
C ASP A 86 8.52 10.61 38.53
N ILE A 87 8.53 11.24 39.70
CA ILE A 87 9.75 11.40 40.57
C ILE A 87 9.87 10.17 41.48
N ALA A 88 8.74 9.67 42.00
CA ALA A 88 8.66 8.46 42.86
C ALA A 88 9.14 7.23 42.08
N ASN A 89 8.60 7.04 40.87
CA ASN A 89 8.90 5.90 39.96
C ASN A 89 10.34 6.04 39.42
N PHE A 90 10.80 7.27 39.15
CA PHE A 90 12.15 7.57 38.60
C PHE A 90 13.24 6.98 39.50
N GLU A 91 12.97 6.87 40.81
CA GLU A 91 13.89 6.24 41.80
C GLU A 91 13.99 4.73 41.51
N ILE A 103 19.50 7.73 33.16
CA ILE A 103 18.19 7.25 33.69
C ILE A 103 17.09 8.25 33.31
N ALA A 104 15.94 7.73 32.90
CA ALA A 104 14.75 8.51 32.46
C ALA A 104 14.07 9.11 33.69
N VAL A 105 14.02 10.44 33.79
CA VAL A 105 13.34 11.17 34.90
C VAL A 105 11.84 11.24 34.60
N LYS A 106 11.45 11.58 33.36
CA LYS A 106 10.02 11.64 32.95
C LYS A 106 9.84 10.89 31.63
N THR A 107 8.85 9.99 31.61
CA THR A 107 8.45 9.19 30.42
C THR A 107 6.95 8.88 30.51
N PRO A 108 6.21 8.95 29.38
CA PRO A 108 6.70 9.54 28.14
C PRO A 108 6.51 11.07 28.18
N LEU A 109 7.38 11.82 27.52
CA LEU A 109 7.19 13.28 27.29
C LEU A 109 6.24 13.46 26.10
N THR A 110 5.44 14.52 26.12
CA THR A 110 4.54 14.92 25.01
C THR A 110 5.21 16.08 24.27
N GLU A 111 5.09 16.11 22.94
CA GLU A 111 5.82 17.07 22.06
C GLU A 111 5.72 18.49 22.65
N VAL A 112 4.59 18.80 23.30
CA VAL A 112 4.35 20.06 24.05
C VAL A 112 5.44 20.21 25.13
N GLN A 113 5.49 19.26 26.06
CA GLN A 113 6.42 19.22 27.23
C GLN A 113 7.87 19.24 26.74
N VAL A 114 8.16 18.54 25.64
CA VAL A 114 9.51 18.49 25.00
C VAL A 114 9.87 19.90 24.55
N ALA A 115 9.07 20.46 23.63
CA ALA A 115 9.22 21.82 23.08
C ALA A 115 9.39 22.83 24.22
N ARG A 116 8.71 22.62 25.35
CA ARG A 116 8.77 23.53 26.52
C ARG A 116 10.11 23.34 27.23
N PHE A 117 10.61 22.12 27.33
CA PHE A 117 11.96 21.83 27.88
C PHE A 117 13.02 22.30 26.87
N ALA A 118 12.76 22.15 25.57
CA ALA A 118 13.71 22.43 24.47
C ALA A 118 14.19 23.88 24.55
N VAL A 119 13.31 24.80 24.96
CA VAL A 119 13.58 26.27 25.05
C VAL A 119 14.26 26.57 26.39
N ASN A 120 14.10 25.69 27.38
CA ASN A 120 14.74 25.79 28.73
C ASN A 120 15.90 24.78 28.83
N GLN A 121 16.49 24.40 27.69
CA GLN A 121 17.59 23.41 27.64
C GLN A 121 18.77 23.96 28.43
N PHE A 122 19.10 25.24 28.23
CA PHE A 122 20.25 25.95 28.83
C PHE A 122 20.14 26.01 30.36
N ARG A 123 18.93 26.01 30.93
CA ARG A 123 18.74 26.16 32.40
C ARG A 123 18.92 24.81 33.10
N PHE A 124 18.99 23.70 32.35
CA PHE A 124 19.26 22.34 32.88
C PHE A 124 20.54 21.78 32.28
N PRO A 125 21.57 21.50 33.11
CA PRO A 125 22.86 21.04 32.61
C PRO A 125 22.85 19.53 32.31
N GLY A 126 23.24 19.13 31.09
CA GLY A 126 23.46 17.72 30.71
C GLY A 126 22.17 16.97 30.44
N ILE A 127 21.07 17.35 31.10
CA ILE A 127 19.70 16.79 30.92
C ILE A 127 19.28 17.05 29.47
N GLU A 128 18.91 15.99 28.75
CA GLU A 128 18.55 16.02 27.30
C GLU A 128 17.27 15.23 27.07
N VAL A 129 16.58 15.54 25.97
CA VAL A 129 15.39 14.80 25.49
C VAL A 129 15.86 13.73 24.51
N LYS A 130 15.40 12.49 24.71
CA LYS A 130 15.83 11.31 23.92
C LYS A 130 14.61 10.70 23.23
N GLY A 131 14.66 10.65 21.89
CA GLY A 131 13.65 9.98 21.04
C GLY A 131 13.97 8.50 20.90
N TYR A 132 13.32 7.67 21.71
CA TYR A 132 13.31 6.19 21.57
C TYR A 132 12.06 5.78 20.78
N GLN A 133 11.95 4.48 20.46
CA GLN A 133 10.90 3.92 19.58
C GLN A 133 10.24 2.73 20.27
N ARG A 134 8.92 2.59 20.05
CA ARG A 134 8.12 1.43 20.49
C ARG A 134 7.38 0.86 19.29
N ARG A 135 7.37 -0.47 19.15
CA ARG A 135 6.56 -1.15 18.12
C ARG A 135 5.11 -0.74 18.35
N PHE A 136 4.37 -0.48 17.28
CA PHE A 136 2.92 -0.22 17.31
C PHE A 136 2.26 -1.15 16.27
N TYR A 137 1.15 -1.76 16.67
CA TYR A 137 0.35 -2.69 15.84
C TYR A 137 -1.02 -2.06 15.63
N PRO A 138 -1.19 -1.26 14.54
CA PRO A 138 -2.43 -0.56 14.25
C PRO A 138 -3.67 -1.45 14.37
N TYR A 139 -3.65 -2.61 13.70
CA TYR A 139 -4.81 -3.49 13.47
C TYR A 139 -4.92 -4.50 14.61
N GLY A 140 -3.97 -4.47 15.55
CA GLY A 140 -3.99 -5.24 16.80
C GLY A 140 -4.34 -6.70 16.58
N SER A 141 -5.48 -7.13 17.12
CA SER A 141 -5.93 -8.54 17.23
C SER A 141 -6.03 -9.19 15.84
N ALA A 142 -6.24 -8.40 14.79
CA ALA A 142 -6.42 -8.86 13.39
C ALA A 142 -5.24 -9.71 12.94
N LEU A 143 -4.01 -9.35 13.36
CA LEU A 143 -2.73 -9.95 12.89
C LEU A 143 -1.95 -10.60 14.04
N THR A 144 -2.48 -10.64 15.26
CA THR A 144 -1.74 -11.07 16.48
C THR A 144 -0.86 -12.28 16.18
N HIS A 145 -1.37 -13.23 15.41
CA HIS A 145 -0.75 -14.55 15.15
C HIS A 145 0.26 -14.43 14.01
N VAL A 146 -0.13 -13.88 12.88
CA VAL A 146 0.73 -13.83 11.67
C VAL A 146 1.87 -12.82 11.93
N ILE A 147 1.55 -11.57 12.28
CA ILE A 147 2.57 -10.50 12.58
C ILE A 147 3.25 -10.83 13.91
N GLY A 148 2.55 -11.51 14.82
CA GLY A 148 3.08 -11.74 16.18
C GLY A 148 3.32 -10.41 16.86
N TYR A 149 4.41 -10.29 17.60
CA TYR A 149 4.74 -9.08 18.39
C TYR A 149 6.19 -9.14 18.89
N VAL A 150 6.79 -7.98 19.12
CA VAL A 150 8.03 -7.81 19.94
C VAL A 150 7.59 -7.64 21.39
N SER A 151 8.37 -8.17 22.33
CA SER A 151 8.18 -8.01 23.80
C SER A 151 9.52 -7.71 24.46
N LYS A 152 9.51 -7.23 25.70
CA LYS A 152 10.72 -6.92 26.50
C LYS A 152 11.65 -8.14 26.47
N ILE A 153 12.95 -7.90 26.28
CA ILE A 153 14.04 -8.91 26.46
C ILE A 153 14.24 -9.14 27.96
N ASN A 154 14.04 -10.38 28.44
CA ASN A 154 14.39 -10.81 29.82
C ASN A 154 15.76 -11.51 29.78
N ASP A 155 16.33 -11.81 30.96
CA ASP A 155 17.69 -12.40 31.10
C ASP A 155 17.77 -13.74 30.37
N LYS A 156 16.63 -14.38 30.09
CA LYS A 156 16.52 -15.64 29.31
C LYS A 156 16.86 -15.37 27.84
N ASP A 157 16.19 -14.39 27.23
CA ASP A 157 16.44 -13.95 25.83
C ASP A 157 17.91 -13.53 25.70
N VAL A 158 18.50 -13.00 26.78
CA VAL A 158 19.94 -12.60 26.84
C VAL A 158 20.80 -13.85 26.61
N GLU A 159 20.74 -14.80 27.55
CA GLU A 159 21.52 -16.06 27.52
C GLU A 159 21.56 -16.59 26.08
N ARG A 160 20.40 -16.64 25.42
CA ARG A 160 20.20 -17.18 24.04
C ARG A 160 21.01 -16.35 23.03
N LEU A 161 20.92 -15.02 23.11
CA LEU A 161 21.64 -14.07 22.23
C LEU A 161 23.15 -14.22 22.45
N ASP A 162 23.54 -14.50 23.71
CA ASP A 162 24.94 -14.61 24.16
C ASP A 162 25.64 -15.73 23.39
N LYS A 163 25.06 -16.94 23.38
CA LYS A 163 25.66 -18.16 22.80
C LYS A 163 25.63 -18.08 21.26
N GLU A 164 24.74 -17.29 20.67
CA GLU A 164 24.67 -17.05 19.20
C GLU A 164 25.73 -16.01 18.78
N GLY A 165 26.30 -15.28 19.75
CA GLY A 165 27.34 -14.25 19.51
C GLY A 165 26.80 -13.08 18.71
N ILE A 166 25.62 -12.56 19.10
CA ILE A 166 24.97 -11.37 18.47
C ILE A 166 24.50 -10.40 19.58
N LEU A 167 24.84 -10.66 20.85
CA LEU A 167 24.40 -9.85 22.02
C LEU A 167 24.87 -8.41 21.86
N PRO A 168 26.08 -8.13 21.30
CA PRO A 168 26.46 -6.77 20.95
C PRO A 168 25.49 -6.00 20.04
N ASN A 169 24.74 -6.71 19.19
CA ASN A 169 23.74 -6.11 18.25
C ASN A 169 22.52 -5.64 19.03
N TYR A 170 22.21 -6.28 20.16
CA TYR A 170 21.01 -5.99 21.00
C TYR A 170 21.43 -5.21 22.26
N ALA A 171 22.62 -4.62 22.26
CA ALA A 171 23.19 -3.84 23.39
C ALA A 171 22.21 -2.73 23.79
N ALA A 172 21.81 -1.91 22.81
CA ALA A 172 20.94 -0.73 22.96
C ALA A 172 19.47 -1.08 22.71
N THR A 173 19.16 -2.33 22.28
CA THR A 173 17.79 -2.80 21.95
C THR A 173 17.13 -3.41 23.20
N HIS A 174 15.87 -3.04 23.45
CA HIS A 174 15.07 -3.41 24.65
C HIS A 174 14.04 -4.49 24.31
N ASP A 175 13.38 -4.39 23.14
CA ASP A 175 12.33 -5.33 22.69
C ASP A 175 12.89 -6.26 21.61
N ILE A 176 12.34 -7.49 21.54
CA ILE A 176 12.74 -8.54 20.55
C ILE A 176 11.49 -9.28 20.07
N GLY A 177 11.48 -9.65 18.78
CA GLY A 177 10.42 -10.47 18.14
C GLY A 177 10.24 -11.81 18.84
N LYS A 178 9.10 -11.99 19.50
CA LYS A 178 8.80 -13.16 20.37
C LYS A 178 7.72 -14.05 19.74
N LEU A 179 7.07 -13.61 18.66
CA LEU A 179 5.99 -14.36 17.98
C LEU A 179 5.89 -13.92 16.51
N GLY A 180 5.28 -14.78 15.69
CA GLY A 180 4.88 -14.50 14.30
C GLY A 180 6.05 -14.05 13.45
N ILE A 181 5.78 -13.20 12.46
CA ILE A 181 6.77 -12.59 11.53
C ILE A 181 7.84 -11.87 12.35
N GLU A 182 7.47 -11.23 13.45
CA GLU A 182 8.39 -10.48 14.34
C GLU A 182 9.51 -11.43 14.80
N ARG A 183 9.17 -12.67 15.16
CA ARG A 183 10.15 -13.70 15.60
C ARG A 183 10.92 -14.27 14.41
N TYR A 184 10.23 -14.88 13.44
CA TYR A 184 10.86 -15.58 12.29
C TYR A 184 11.83 -14.64 11.57
N TYR A 185 11.51 -13.34 11.49
CA TYR A 185 12.32 -12.35 10.72
C TYR A 185 13.02 -11.36 11.66
N GLU A 186 12.92 -11.56 12.98
CA GLU A 186 13.65 -10.76 14.00
C GLU A 186 15.01 -10.34 13.45
N SER A 187 15.75 -11.27 12.86
CA SER A 187 17.09 -11.06 12.26
C SER A 187 17.03 -9.91 11.24
N THR A 188 16.18 -10.04 10.22
CA THR A 188 16.04 -9.09 9.10
C THR A 188 15.38 -7.79 9.60
N LEU A 189 14.59 -7.86 10.66
CA LEU A 189 13.78 -6.71 11.17
C LEU A 189 14.60 -5.86 12.16
N HIS A 190 15.61 -6.44 12.81
CA HIS A 190 16.41 -5.78 13.88
C HIS A 190 17.36 -4.73 13.29
N GLY A 191 18.21 -5.14 12.35
CA GLY A 191 19.25 -4.28 11.72
C GLY A 191 20.58 -4.38 12.46
N LYS A 192 21.65 -3.83 11.88
CA LYS A 192 22.98 -3.72 12.53
C LYS A 192 22.97 -2.51 13.47
N THR A 193 23.56 -2.67 14.66
CA THR A 193 23.70 -1.60 15.70
C THR A 193 24.80 -0.61 15.26
N GLY A 194 24.64 0.65 15.66
CA GLY A 194 25.58 1.76 15.38
C GLY A 194 26.25 2.20 16.67
N TYR A 195 27.18 3.17 16.59
CA TYR A 195 28.04 3.58 17.73
C TYR A 195 28.31 5.08 17.65
N GLU A 196 28.35 5.71 18.83
CA GLU A 196 28.54 7.18 19.03
C GLU A 196 29.77 7.39 19.91
N GLU A 212 31.02 8.76 15.14
CA GLU A 212 29.60 8.35 15.12
C GLU A 212 29.34 7.45 13.89
N GLN A 213 29.25 6.14 14.11
CA GLN A 213 29.04 5.11 13.07
C GLN A 213 27.55 4.74 13.09
N PRO A 214 26.77 5.15 12.06
CA PRO A 214 25.30 5.10 12.13
C PRO A 214 24.74 3.70 12.08
N PRO A 215 23.72 3.35 12.89
CA PRO A 215 23.11 2.02 12.86
C PRO A 215 22.42 1.76 11.52
N GLN A 216 22.73 0.62 10.87
CA GLN A 216 22.00 0.14 9.66
C GLN A 216 20.59 -0.28 10.12
N ALA A 217 19.56 0.46 9.70
CA ALA A 217 18.14 0.28 10.12
C ALA A 217 17.64 -1.07 9.62
N GLY A 218 16.84 -1.77 10.42
CA GLY A 218 16.29 -3.10 10.11
C GLY A 218 15.55 -3.06 8.78
N LYS A 219 15.62 -4.15 8.00
CA LYS A 219 14.96 -4.22 6.67
C LYS A 219 13.44 -4.23 6.87
N ASP A 220 12.73 -3.50 6.01
CA ASP A 220 11.26 -3.58 5.90
C ASP A 220 10.90 -4.95 5.31
N ILE A 221 9.82 -5.53 5.83
CA ILE A 221 9.22 -6.81 5.36
C ILE A 221 7.84 -6.50 4.77
N TYR A 222 7.65 -6.82 3.48
CA TYR A 222 6.34 -6.77 2.77
C TYR A 222 5.74 -8.17 2.79
N LEU A 223 4.65 -8.37 3.52
CA LEU A 223 3.95 -9.69 3.58
C LEU A 223 3.02 -9.80 2.36
N THR A 224 2.57 -11.03 2.08
CA THR A 224 1.63 -11.39 0.99
C THR A 224 0.19 -11.28 1.51
N LEU A 225 0.04 -11.06 2.82
CA LEU A 225 -1.25 -10.79 3.52
C LEU A 225 -2.00 -9.67 2.82
N ASP A 226 -3.33 -9.76 2.82
CA ASP A 226 -4.27 -8.70 2.40
C ASP A 226 -5.04 -8.28 3.65
N LEU A 227 -4.73 -7.11 4.20
CA LEU A 227 -5.29 -6.63 5.48
C LEU A 227 -6.82 -6.63 5.39
N SER A 228 -7.37 -6.07 4.30
CA SER A 228 -8.82 -5.99 4.02
C SER A 228 -9.45 -7.35 4.29
N LEU A 229 -8.93 -8.38 3.60
CA LEU A 229 -9.35 -9.79 3.75
C LEU A 229 -9.13 -10.25 5.19
N GLN A 230 -7.92 -10.04 5.73
CA GLN A 230 -7.50 -10.53 7.07
C GLN A 230 -8.49 -10.04 8.13
N ILE A 231 -8.85 -8.75 8.10
CA ILE A 231 -9.85 -8.16 9.04
C ILE A 231 -11.18 -8.89 8.79
N TYR A 232 -11.60 -8.95 7.52
CA TYR A 232 -12.90 -9.52 7.06
C TYR A 232 -13.07 -10.93 7.60
N ILE A 233 -12.00 -11.74 7.55
CA ILE A 233 -12.02 -13.13 8.09
C ILE A 233 -12.26 -13.04 9.60
N GLU A 234 -11.45 -12.26 10.32
CA GLU A 234 -11.56 -12.14 11.81
C GLU A 234 -13.00 -11.80 12.19
N LYS A 235 -13.63 -10.90 11.42
CA LYS A 235 -15.04 -10.50 11.57
C LYS A 235 -15.90 -11.78 11.53
N LEU A 236 -15.71 -12.60 10.49
CA LEU A 236 -16.54 -13.80 10.17
C LEU A 236 -16.33 -14.91 11.21
N LEU A 237 -15.17 -14.96 11.87
CA LEU A 237 -14.81 -16.00 12.86
C LEU A 237 -15.12 -15.53 14.28
N SER A 238 -15.88 -14.44 14.45
CA SER A 238 -16.15 -13.83 15.79
C SER A 238 -16.75 -14.91 16.72
N GLY A 239 -16.15 -15.08 17.90
CA GLY A 239 -16.66 -15.98 18.96
C GLY A 239 -16.44 -17.45 18.68
N SER A 240 -16.04 -17.82 17.46
CA SER A 240 -15.69 -19.21 17.07
C SER A 240 -14.18 -19.44 17.24
N ARG A 241 -13.78 -20.37 18.10
CA ARG A 241 -12.45 -21.02 18.02
C ARG A 241 -12.32 -21.55 16.59
N ALA A 242 -11.45 -20.96 15.77
CA ALA A 242 -11.39 -21.23 14.32
C ALA A 242 -10.00 -20.87 13.78
N ALA A 243 -9.75 -21.24 12.53
CA ALA A 243 -8.52 -20.90 11.80
C ALA A 243 -8.82 -20.91 10.30
N VAL A 244 -8.28 -19.92 9.59
CA VAL A 244 -8.45 -19.76 8.13
C VAL A 244 -7.06 -19.50 7.55
N VAL A 245 -6.78 -20.06 6.38
CA VAL A 245 -5.55 -19.78 5.60
C VAL A 245 -5.97 -19.64 4.15
N VAL A 246 -6.30 -18.41 3.75
CA VAL A 246 -6.37 -18.08 2.30
C VAL A 246 -4.93 -18.06 1.79
N THR A 247 -4.71 -18.48 0.55
CA THR A 247 -3.39 -18.58 -0.11
C THR A 247 -3.59 -18.33 -1.59
N ASP A 248 -2.67 -17.62 -2.23
CA ASP A 248 -2.61 -17.57 -3.71
C ASP A 248 -1.83 -18.82 -4.12
N PRO A 249 -2.49 -19.83 -4.71
CA PRO A 249 -1.85 -21.12 -5.00
C PRO A 249 -0.80 -21.00 -6.11
N ARG A 250 -0.88 -19.95 -6.92
CA ARG A 250 0.10 -19.66 -8.01
C ARG A 250 1.48 -19.32 -7.43
N THR A 251 1.51 -18.69 -6.25
CA THR A 251 2.75 -18.16 -5.60
C THR A 251 3.12 -18.97 -4.36
N GLY A 252 2.12 -19.46 -3.61
CA GLY A 252 2.30 -19.97 -2.25
C GLY A 252 1.99 -18.89 -1.23
N GLY A 253 1.89 -17.64 -1.69
CA GLY A 253 1.62 -16.45 -0.86
C GLY A 253 0.35 -16.62 -0.05
N ILE A 254 0.42 -16.37 1.26
CA ILE A 254 -0.71 -16.45 2.23
C ILE A 254 -1.44 -15.10 2.22
N LEU A 255 -2.57 -15.02 1.52
CA LEU A 255 -3.42 -13.81 1.44
C LEU A 255 -3.98 -13.48 2.83
N ALA A 256 -4.19 -14.50 3.68
CA ALA A 256 -4.72 -14.28 5.04
C ALA A 256 -4.45 -15.51 5.91
N LEU A 257 -4.14 -15.29 7.19
CA LEU A 257 -3.84 -16.35 8.18
C LEU A 257 -4.42 -15.92 9.53
N VAL A 258 -5.57 -16.50 9.89
CA VAL A 258 -6.43 -15.99 11.00
C VAL A 258 -6.70 -17.12 11.98
N SER A 259 -6.34 -16.90 13.24
CA SER A 259 -6.72 -17.75 14.39
C SER A 259 -7.64 -16.92 15.28
N ASN A 260 -8.78 -17.50 15.64
CA ASN A 260 -9.73 -16.90 16.60
C ASN A 260 -9.84 -17.87 17.77
N PRO A 261 -9.91 -17.38 19.03
CA PRO A 261 -9.82 -15.95 19.32
C PRO A 261 -8.35 -15.50 19.28
N SER A 262 -8.12 -14.19 19.07
CA SER A 262 -6.81 -13.53 19.21
C SER A 262 -6.85 -12.59 20.43
N TYR A 263 -5.83 -11.76 20.57
CA TYR A 263 -5.62 -10.78 21.67
C TYR A 263 -4.90 -9.56 21.08
N ASP A 264 -4.69 -8.50 21.88
CA ASP A 264 -3.95 -7.31 21.41
C ASP A 264 -2.47 -7.64 21.45
N PRO A 265 -1.74 -7.63 20.30
CA PRO A 265 -0.30 -7.85 20.30
C PRO A 265 0.41 -6.75 21.11
N ASN A 266 -0.20 -5.54 21.13
CA ASN A 266 0.35 -4.32 21.78
C ASN A 266 0.54 -4.54 23.29
N LEU A 267 -0.20 -5.47 23.92
CA LEU A 267 -0.09 -5.76 25.38
C LEU A 267 1.32 -6.23 25.73
N PHE A 268 2.07 -6.75 24.74
CA PHE A 268 3.38 -7.42 24.91
C PHE A 268 4.54 -6.43 24.66
N VAL A 269 4.33 -5.43 23.81
CA VAL A 269 5.40 -4.47 23.37
C VAL A 269 6.00 -3.79 24.61
N ASP A 270 5.19 -3.04 25.36
CA ASP A 270 5.59 -2.49 26.69
C ASP A 270 6.21 -3.61 27.52
N GLY A 271 5.48 -4.73 27.62
CA GLY A 271 5.73 -5.85 28.55
C GLY A 271 4.43 -6.29 29.20
N ILE A 272 4.08 -7.57 29.09
CA ILE A 272 2.75 -8.12 29.49
C ILE A 272 2.75 -8.33 31.01
N SER A 273 1.65 -7.96 31.67
CA SER A 273 1.41 -8.21 33.11
C SER A 273 1.11 -9.69 33.34
N ASN A 274 1.75 -10.31 34.34
CA ASN A 274 1.50 -11.72 34.71
C ASN A 274 -0.01 -11.90 34.98
N LYS A 275 -0.70 -10.83 35.39
CA LYS A 275 -2.18 -10.78 35.48
C LYS A 275 -2.79 -10.96 34.08
N ASP A 276 -2.32 -10.17 33.12
CA ASP A 276 -2.81 -10.15 31.71
C ASP A 276 -2.46 -11.47 31.01
N TYR A 277 -1.24 -12.00 31.20
CA TYR A 277 -0.76 -13.23 30.55
C TYR A 277 -1.54 -14.44 31.06
N GLN A 278 -1.61 -14.61 32.38
CA GLN A 278 -2.37 -15.69 33.06
C GLN A 278 -3.84 -15.64 32.61
N GLY A 279 -4.32 -14.47 32.17
CA GLY A 279 -5.59 -14.34 31.44
C GLY A 279 -5.58 -15.12 30.15
N LEU A 280 -4.66 -14.76 29.23
CA LEU A 280 -4.52 -15.36 27.86
C LEU A 280 -4.16 -16.85 28.01
N LEU A 281 -3.24 -17.16 28.92
CA LEU A 281 -2.79 -18.54 29.22
C LEU A 281 -4.02 -19.38 29.58
N ASN A 282 -4.73 -18.99 30.64
CA ASN A 282 -5.78 -19.82 31.31
C ASN A 282 -7.14 -19.65 30.61
N ASP A 283 -7.22 -18.86 29.53
CA ASP A 283 -8.48 -18.69 28.76
C ASP A 283 -8.87 -20.04 28.17
N THR A 284 -10.06 -20.53 28.49
CA THR A 284 -10.68 -21.78 27.93
C THR A 284 -10.45 -21.82 26.41
N ASN A 285 -10.77 -20.72 25.70
CA ASN A 285 -10.70 -20.63 24.22
C ASN A 285 -9.25 -20.60 23.72
N ARG A 286 -8.26 -20.50 24.63
CA ARG A 286 -6.81 -20.59 24.30
C ARG A 286 -6.49 -19.69 23.10
N PRO A 287 -6.56 -18.35 23.27
CA PRO A 287 -6.25 -17.43 22.18
C PRO A 287 -4.77 -17.45 21.76
N LEU A 288 -3.88 -17.78 22.70
CA LEU A 288 -2.40 -17.76 22.51
C LEU A 288 -2.00 -18.64 21.32
N ILE A 289 -2.76 -19.71 21.08
CA ILE A 289 -2.46 -20.74 20.03
C ILE A 289 -2.80 -20.16 18.65
N ASN A 290 -1.83 -20.19 17.73
CA ASN A 290 -2.08 -19.97 16.28
C ASN A 290 -2.67 -21.25 15.70
N ARG A 291 -4.00 -21.40 15.78
CA ARG A 291 -4.76 -22.57 15.28
C ARG A 291 -4.44 -22.87 13.81
N ALA A 292 -4.00 -21.89 13.03
CA ALA A 292 -3.71 -22.04 11.59
C ALA A 292 -2.48 -22.93 11.37
N THR A 293 -1.49 -22.84 12.28
CA THR A 293 -0.16 -23.49 12.12
C THR A 293 0.16 -24.41 13.30
N GLN A 294 -0.45 -24.20 14.47
CA GLN A 294 -0.19 -24.97 15.72
C GLN A 294 -1.39 -25.83 16.12
N GLY A 295 -2.53 -25.66 15.43
CA GLY A 295 -3.76 -26.46 15.63
C GLY A 295 -3.61 -27.81 14.95
N VAL A 296 -3.65 -28.89 15.74
CA VAL A 296 -3.66 -30.29 15.23
C VAL A 296 -5.12 -30.77 15.29
N TYR A 297 -5.72 -30.97 14.12
CA TYR A 297 -7.12 -31.45 13.95
C TYR A 297 -7.12 -32.69 13.07
N PRO A 298 -8.07 -33.63 13.25
CA PRO A 298 -8.30 -34.66 12.24
C PRO A 298 -8.70 -33.92 10.97
N PRO A 299 -7.93 -34.04 9.86
CA PRO A 299 -8.25 -33.33 8.62
C PRO A 299 -9.52 -33.88 7.94
N ALA A 300 -10.05 -34.99 8.47
CA ALA A 300 -11.32 -35.60 8.03
C ALA A 300 -11.39 -35.59 6.51
N SER A 301 -12.58 -35.32 5.97
CA SER A 301 -12.82 -35.50 4.55
C SER A 301 -12.02 -34.62 3.59
N THR A 302 -11.34 -33.60 4.12
CA THR A 302 -10.56 -32.69 3.30
C THR A 302 -9.45 -33.47 2.58
N VAL A 303 -9.01 -34.57 3.19
CA VAL A 303 -7.85 -35.39 2.72
C VAL A 303 -8.21 -36.20 1.48
N LYS A 304 -9.51 -36.46 1.26
CA LYS A 304 -10.02 -37.46 0.27
C LYS A 304 -9.46 -37.16 -1.12
N PRO A 305 -9.49 -35.90 -1.62
CA PRO A 305 -8.94 -35.59 -2.96
C PRO A 305 -7.48 -36.04 -3.16
N TYR A 306 -6.65 -35.89 -2.13
CA TYR A 306 -5.20 -36.20 -2.17
C TYR A 306 -5.05 -37.73 -2.12
N ILE A 307 -5.73 -38.36 -1.15
CA ILE A 307 -5.89 -39.85 -1.03
C ILE A 307 -6.36 -40.41 -2.37
N ALA A 308 -7.33 -39.77 -3.02
CA ALA A 308 -7.84 -40.14 -4.36
C ALA A 308 -6.67 -40.18 -5.34
N VAL A 309 -5.96 -39.05 -5.52
CA VAL A 309 -4.80 -38.90 -6.44
C VAL A 309 -3.75 -39.97 -6.15
N SER A 310 -3.49 -40.24 -4.86
CA SER A 310 -2.50 -41.24 -4.38
C SER A 310 -2.90 -42.66 -4.82
N ALA A 311 -4.17 -43.00 -4.69
CA ALA A 311 -4.75 -44.31 -5.06
C ALA A 311 -4.66 -44.51 -6.58
N LEU A 312 -4.87 -43.44 -7.36
CA LEU A 312 -4.77 -43.45 -8.85
C LEU A 312 -3.32 -43.66 -9.27
N SER A 313 -2.39 -42.85 -8.74
CA SER A 313 -0.92 -42.92 -9.00
C SER A 313 -0.37 -44.31 -8.63
N ALA A 314 -0.85 -44.88 -7.52
CA ALA A 314 -0.52 -46.25 -7.04
C ALA A 314 -1.31 -47.30 -7.82
N GLY A 315 -2.31 -46.87 -8.62
CA GLY A 315 -3.15 -47.72 -9.48
C GLY A 315 -3.97 -48.72 -8.68
N VAL A 316 -4.22 -48.44 -7.40
CA VAL A 316 -5.05 -49.26 -6.46
C VAL A 316 -6.53 -49.03 -6.77
N ILE A 317 -6.82 -47.95 -7.50
CA ILE A 317 -8.12 -47.68 -8.18
C ILE A 317 -7.81 -47.00 -9.53
N THR A 318 -8.82 -46.78 -10.37
CA THR A 318 -8.71 -46.13 -11.69
C THR A 318 -9.89 -45.17 -11.90
N LYS A 319 -9.77 -44.25 -12.87
CA LYS A 319 -10.75 -43.16 -13.15
C LYS A 319 -12.17 -43.67 -12.87
N ASN A 320 -12.54 -44.79 -13.49
CA ASN A 320 -13.83 -45.51 -13.29
C ASN A 320 -13.54 -46.82 -12.55
N THR A 321 -13.79 -46.85 -11.24
CA THR A 321 -13.65 -48.06 -10.38
C THR A 321 -14.90 -48.19 -9.50
N SER A 322 -16.01 -48.60 -10.11
CA SER A 322 -17.32 -48.84 -9.43
C SER A 322 -17.11 -49.70 -8.18
N LEU A 323 -17.57 -49.20 -7.04
CA LEU A 323 -17.79 -49.95 -5.78
C LEU A 323 -19.20 -49.65 -5.31
N PHE A 324 -19.87 -50.61 -4.66
CA PHE A 324 -21.24 -50.42 -4.12
C PHE A 324 -21.18 -50.09 -2.63
N ASP A 325 -21.87 -49.01 -2.24
CA ASP A 325 -21.99 -48.54 -0.84
C ASP A 325 -23.38 -48.87 -0.32
N PRO A 326 -23.49 -49.68 0.75
CA PRO A 326 -24.75 -49.85 1.48
C PRO A 326 -24.94 -48.91 2.67
N GLY A 327 -24.04 -47.93 2.83
CA GLY A 327 -23.98 -47.02 4.00
C GLY A 327 -23.13 -47.58 5.12
N TRP A 328 -22.39 -48.66 4.82
CA TRP A 328 -21.62 -49.53 5.74
C TRP A 328 -20.38 -50.04 4.98
N TRP A 329 -19.37 -50.49 5.72
CA TRP A 329 -18.18 -51.22 5.18
C TRP A 329 -17.53 -51.96 6.35
N GLN A 330 -17.54 -53.29 6.32
CA GLN A 330 -16.96 -54.11 7.42
C GLN A 330 -15.54 -54.51 7.06
N LEU A 331 -14.71 -54.77 8.07
CA LEU A 331 -13.29 -55.19 7.93
C LEU A 331 -13.22 -56.67 7.57
N PRO A 332 -12.85 -57.01 6.30
CA PRO A 332 -12.86 -58.39 5.82
C PRO A 332 -11.92 -59.29 6.63
N LYS A 336 -16.90 -55.80 12.73
CA LYS A 336 -15.95 -54.67 12.54
C LYS A 336 -16.43 -53.80 11.37
N ARG A 337 -17.53 -53.06 11.56
CA ARG A 337 -18.24 -52.25 10.52
C ARG A 337 -17.89 -50.77 10.69
N TYR A 338 -18.01 -49.98 9.62
CA TYR A 338 -17.71 -48.52 9.60
C TYR A 338 -18.83 -47.79 8.85
N ARG A 339 -19.59 -46.96 9.60
CA ARG A 339 -20.81 -46.27 9.10
C ARG A 339 -20.41 -45.08 8.20
N ASP A 340 -20.83 -45.12 6.94
CA ASP A 340 -20.86 -43.93 6.05
C ASP A 340 -21.76 -42.88 6.69
N TRP A 341 -21.54 -41.59 6.37
CA TRP A 341 -22.39 -40.48 6.85
C TRP A 341 -23.81 -40.68 6.32
N LYS A 342 -23.93 -41.07 5.05
CA LYS A 342 -25.20 -41.43 4.38
C LYS A 342 -25.66 -42.80 4.89
N LYS A 343 -26.68 -42.85 5.75
CA LYS A 343 -27.10 -44.04 6.54
C LYS A 343 -27.37 -45.23 5.61
N TRP A 344 -27.99 -44.98 4.46
CA TRP A 344 -28.30 -46.02 3.42
C TRP A 344 -27.42 -45.82 2.19
N GLY A 345 -26.20 -45.29 2.36
CA GLY A 345 -25.12 -45.32 1.36
C GLY A 345 -25.43 -44.49 0.12
N HIS A 346 -24.46 -44.41 -0.78
CA HIS A 346 -24.50 -43.66 -2.06
C HIS A 346 -24.76 -44.61 -3.22
N GLY A 347 -24.63 -45.92 -3.00
CA GLY A 347 -24.73 -46.96 -4.04
C GLY A 347 -23.45 -47.08 -4.85
N ARG A 348 -23.57 -47.08 -6.19
CA ARG A 348 -22.47 -47.34 -7.15
C ARG A 348 -21.59 -46.07 -7.25
N LEU A 349 -20.31 -46.17 -6.87
CA LEU A 349 -19.37 -45.03 -6.63
C LEU A 349 -18.09 -45.19 -7.45
N ASN A 350 -17.74 -44.20 -8.26
CA ASN A 350 -16.34 -43.95 -8.73
C ASN A 350 -15.72 -42.94 -7.75
N VAL A 351 -14.42 -42.67 -7.87
CA VAL A 351 -13.72 -41.63 -7.05
C VAL A 351 -14.45 -40.30 -7.24
N THR A 352 -14.73 -39.92 -8.49
CA THR A 352 -15.36 -38.62 -8.88
C THR A 352 -16.64 -38.43 -8.04
N LYS A 353 -17.46 -39.47 -7.93
CA LYS A 353 -18.74 -39.44 -7.17
C LYS A 353 -18.45 -39.52 -5.68
N ALA A 354 -17.54 -40.41 -5.26
CA ALA A 354 -17.13 -40.62 -3.85
C ALA A 354 -16.64 -39.29 -3.26
N LEU A 355 -15.93 -38.48 -4.05
CA LEU A 355 -15.46 -37.12 -3.67
C LEU A 355 -16.66 -36.18 -3.64
N GLU A 356 -17.36 -36.04 -4.79
CA GLU A 356 -18.58 -35.21 -4.94
C GLU A 356 -19.46 -35.32 -3.68
N GLU A 357 -19.75 -36.55 -3.27
CA GLU A 357 -20.73 -36.86 -2.20
C GLU A 357 -20.01 -37.11 -0.87
N SER A 358 -18.68 -36.96 -0.84
CA SER A 358 -17.82 -37.21 0.35
C SER A 358 -18.22 -38.56 0.97
N ALA A 359 -18.19 -39.62 0.16
CA ALA A 359 -18.52 -41.01 0.54
C ALA A 359 -17.38 -41.56 1.39
N ASP A 360 -17.66 -42.00 2.62
CA ASP A 360 -16.66 -42.64 3.53
C ASP A 360 -16.34 -44.05 3.04
N THR A 361 -17.39 -44.87 2.91
CA THR A 361 -17.35 -46.27 2.41
C THR A 361 -16.28 -46.40 1.32
N PHE A 362 -16.40 -45.61 0.24
CA PHE A 362 -15.46 -45.67 -0.89
C PHE A 362 -14.01 -45.51 -0.39
N PHE A 363 -13.76 -44.59 0.54
CA PHE A 363 -12.40 -44.25 1.01
C PHE A 363 -11.96 -45.23 2.10
N TYR A 364 -12.89 -45.65 2.97
CA TYR A 364 -12.70 -46.77 3.92
C TYR A 364 -12.06 -47.95 3.19
N GLN A 365 -12.60 -48.30 2.02
CA GLN A 365 -12.11 -49.38 1.12
C GLN A 365 -10.69 -49.04 0.69
N VAL A 366 -10.51 -47.92 -0.02
CA VAL A 366 -9.22 -47.53 -0.66
C VAL A 366 -8.11 -47.55 0.39
N ALA A 367 -8.40 -47.10 1.62
CA ALA A 367 -7.50 -47.19 2.80
C ALA A 367 -6.98 -48.62 2.97
N TYR A 368 -7.91 -49.59 2.96
CA TYR A 368 -7.64 -51.05 3.15
C TYR A 368 -6.79 -51.56 1.98
N ASP A 369 -7.23 -51.29 0.74
CA ASP A 369 -6.52 -51.72 -0.50
C ASP A 369 -5.09 -51.17 -0.49
N MET A 370 -4.95 -49.85 -0.37
CA MET A 370 -3.63 -49.14 -0.35
C MET A 370 -2.83 -49.58 0.89
N GLY A 371 -3.48 -49.68 2.04
CA GLY A 371 -2.85 -50.11 3.31
C GLY A 371 -2.02 -48.98 3.90
N ILE A 372 -1.85 -48.97 5.22
CA ILE A 372 -1.25 -47.83 5.96
C ILE A 372 0.04 -47.34 5.27
N ASP A 373 0.99 -48.24 5.01
CA ASP A 373 2.39 -47.89 4.67
C ASP A 373 2.44 -47.11 3.36
N ARG A 374 1.67 -47.52 2.35
CA ARG A 374 1.69 -46.90 0.99
C ARG A 374 0.80 -45.64 0.98
N LEU A 375 -0.15 -45.56 1.93
CA LEU A 375 -1.05 -44.37 2.08
C LEU A 375 -0.28 -43.28 2.82
N SER A 376 0.19 -43.59 4.03
CA SER A 376 1.07 -42.74 4.86
C SER A 376 2.15 -42.10 3.99
N SER A 377 2.89 -42.92 3.24
CA SER A 377 3.98 -42.50 2.32
C SER A 377 3.49 -41.38 1.40
N TRP A 378 2.34 -41.57 0.76
CA TRP A 378 1.80 -40.66 -0.28
C TRP A 378 1.34 -39.34 0.36
N MET A 379 0.77 -39.40 1.56
CA MET A 379 0.28 -38.19 2.30
C MET A 379 1.50 -37.38 2.76
N SER A 380 2.56 -38.04 3.21
CA SER A 380 3.90 -37.43 3.51
C SER A 380 4.39 -36.63 2.29
N LYS A 381 4.07 -37.06 1.07
CA LYS A 381 4.41 -36.33 -0.19
C LYS A 381 3.58 -35.04 -0.28
N PHE A 382 2.35 -35.05 0.23
CA PHE A 382 1.45 -33.86 0.30
C PHE A 382 1.81 -32.99 1.51
N GLY A 383 2.64 -33.51 2.42
CA GLY A 383 3.27 -32.74 3.49
C GLY A 383 2.56 -32.89 4.81
N TYR A 384 1.63 -33.84 4.91
CA TYR A 384 0.94 -34.19 6.18
C TYR A 384 1.97 -34.84 7.11
N GLY A 385 1.92 -34.49 8.40
CA GLY A 385 2.92 -34.93 9.40
C GLY A 385 4.23 -34.16 9.30
N GLU A 386 4.38 -33.30 8.28
CA GLU A 386 5.62 -32.53 7.99
C GLU A 386 5.35 -31.03 8.22
N TYR A 387 6.35 -30.31 8.72
CA TYR A 387 6.38 -28.82 8.75
C TYR A 387 6.28 -28.30 7.31
N THR A 388 5.34 -27.38 7.08
CA THR A 388 5.01 -26.80 5.75
C THR A 388 6.14 -25.89 5.24
N GLY A 389 6.98 -25.38 6.13
CA GLY A 389 8.03 -24.39 5.78
C GLY A 389 7.47 -22.99 5.64
N ILE A 390 6.31 -22.73 6.26
CA ILE A 390 5.79 -21.34 6.47
C ILE A 390 6.82 -20.61 7.33
N ASP A 391 7.05 -19.33 7.04
CA ASP A 391 8.05 -18.49 7.76
C ASP A 391 7.44 -18.03 9.08
N LEU A 392 7.16 -18.99 9.97
CA LEU A 392 6.70 -18.77 11.37
C LEU A 392 7.31 -19.86 12.25
N SER A 393 7.76 -19.49 13.45
CA SER A 393 8.47 -20.39 14.40
C SER A 393 7.46 -21.15 15.26
N GLU A 394 6.21 -20.68 15.29
CA GLU A 394 5.09 -21.33 16.01
C GLU A 394 4.36 -22.20 14.99
N GLU A 395 4.74 -23.48 14.91
CA GLU A 395 4.14 -24.45 13.96
C GLU A 395 4.24 -25.85 14.57
N ARG A 396 3.22 -26.66 14.31
CA ARG A 396 3.17 -28.11 14.60
C ARG A 396 3.16 -28.86 13.27
N ALA A 397 3.67 -30.10 13.26
CA ALA A 397 3.71 -30.98 12.08
C ALA A 397 2.56 -31.98 12.15
N GLY A 398 1.83 -32.02 13.28
CA GLY A 398 0.79 -33.02 13.53
C GLY A 398 1.36 -34.43 13.43
N LEU A 399 0.69 -35.29 12.67
CA LEU A 399 1.08 -36.73 12.54
C LEU A 399 0.39 -37.37 11.33
N MET A 400 1.21 -37.81 10.37
CA MET A 400 0.82 -38.85 9.38
C MET A 400 1.25 -40.19 9.94
N PRO A 401 0.34 -40.99 10.53
CA PRO A 401 0.74 -42.20 11.26
C PRO A 401 1.33 -43.27 10.34
N THR A 402 2.25 -44.09 10.89
CA THR A 402 2.88 -45.27 10.24
C THR A 402 2.93 -46.40 11.26
N ARG A 403 3.21 -47.63 10.81
CA ARG A 403 3.46 -48.79 11.71
C ARG A 403 4.64 -48.44 12.62
N GLU A 404 5.75 -48.01 11.99
CA GLU A 404 7.01 -47.56 12.63
C GLU A 404 6.62 -46.64 13.80
N TRP A 405 5.89 -45.56 13.49
CA TRP A 405 5.44 -44.55 14.48
C TRP A 405 4.65 -45.24 15.60
N LYS A 406 3.54 -45.91 15.25
CA LYS A 406 2.60 -46.46 16.26
C LYS A 406 3.38 -47.36 17.23
N GLN A 407 4.22 -48.26 16.71
CA GLN A 407 5.05 -49.17 17.54
C GLN A 407 5.85 -48.32 18.53
N LYS A 408 6.70 -47.42 18.03
CA LYS A 408 7.54 -46.53 18.87
C LYS A 408 6.64 -45.84 19.89
N ARG A 409 5.63 -45.10 19.43
CA ARG A 409 4.78 -44.21 20.26
C ARG A 409 4.08 -45.05 21.33
N HIS A 410 3.13 -45.90 20.92
CA HIS A 410 2.18 -46.60 21.81
C HIS A 410 2.72 -47.97 22.25
N LYS A 411 3.75 -48.48 21.57
CA LYS A 411 4.46 -49.74 21.93
C LYS A 411 3.53 -50.93 21.70
N LYS A 412 2.52 -50.76 20.83
CA LYS A 412 1.62 -51.83 20.32
C LYS A 412 1.76 -51.85 18.80
N PRO A 413 1.61 -53.01 18.14
CA PRO A 413 1.73 -53.07 16.68
C PRO A 413 0.51 -52.44 16.02
N TRP A 414 0.58 -52.24 14.69
CA TRP A 414 -0.44 -51.55 13.88
C TRP A 414 -1.50 -52.54 13.41
N TYR A 415 -2.74 -52.38 13.86
CA TYR A 415 -3.93 -53.19 13.45
C TYR A 415 -4.52 -52.58 12.18
N GLN A 416 -5.38 -53.34 11.49
CA GLN A 416 -6.06 -52.89 10.23
C GLN A 416 -7.13 -51.84 10.59
N GLY A 417 -7.77 -51.99 11.76
CA GLY A 417 -8.75 -51.04 12.32
C GLY A 417 -8.15 -49.68 12.62
N ASP A 418 -6.85 -49.50 12.34
CA ASP A 418 -6.12 -48.20 12.41
C ASP A 418 -6.02 -47.59 11.02
N THR A 419 -5.99 -48.41 9.95
CA THR A 419 -5.88 -47.93 8.54
C THR A 419 -7.21 -47.34 8.06
N ILE A 420 -8.34 -47.80 8.61
CA ILE A 420 -9.69 -47.38 8.12
C ILE A 420 -9.94 -45.94 8.55
N PRO A 421 -9.88 -45.57 9.85
CA PRO A 421 -10.07 -44.18 10.25
C PRO A 421 -9.23 -43.20 9.41
N VAL A 422 -7.95 -43.52 9.23
CA VAL A 422 -6.95 -42.71 8.47
C VAL A 422 -7.41 -42.50 7.02
N GLY A 423 -8.22 -43.42 6.47
CA GLY A 423 -8.72 -43.35 5.09
C GLY A 423 -9.65 -42.16 4.86
N ILE A 424 -10.23 -41.62 5.94
CA ILE A 424 -11.17 -40.45 5.92
C ILE A 424 -10.56 -39.31 6.75
N GLY A 425 -9.24 -39.14 6.70
CA GLY A 425 -8.49 -38.13 7.48
C GLY A 425 -8.89 -38.10 8.95
N GLN A 426 -9.11 -39.27 9.55
CA GLN A 426 -9.49 -39.42 10.98
C GLN A 426 -8.41 -40.26 11.67
N GLY A 427 -8.73 -40.90 12.80
CA GLY A 427 -7.81 -41.77 13.56
C GLY A 427 -6.65 -40.98 14.14
N TYR A 428 -5.43 -41.52 14.04
CA TYR A 428 -4.18 -40.92 14.55
C TYR A 428 -3.80 -39.71 13.69
N TRP A 429 -4.29 -39.66 12.45
CA TRP A 429 -4.02 -38.54 11.51
C TRP A 429 -4.46 -37.22 12.14
N THR A 430 -3.51 -36.32 12.34
CA THR A 430 -3.75 -34.92 12.75
C THR A 430 -3.00 -34.00 11.76
N ALA A 431 -3.60 -32.86 11.47
CA ALA A 431 -3.10 -31.86 10.48
C ALA A 431 -3.36 -30.45 11.00
N THR A 432 -2.52 -29.52 10.54
CA THR A 432 -2.63 -28.06 10.80
C THR A 432 -3.31 -27.43 9.59
N PRO A 433 -4.23 -26.47 9.78
CA PRO A 433 -4.85 -25.79 8.65
C PRO A 433 -3.81 -25.43 7.57
N ILE A 434 -2.61 -25.02 7.97
CA ILE A 434 -1.51 -24.64 7.02
C ILE A 434 -1.11 -25.88 6.21
N GLN A 435 -1.00 -27.03 6.86
CA GLN A 435 -0.73 -28.34 6.20
C GLN A 435 -1.82 -28.58 5.17
N MET A 436 -3.09 -28.42 5.56
CA MET A 436 -4.27 -28.61 4.67
C MET A 436 -4.19 -27.62 3.51
N ALA A 437 -3.80 -26.38 3.81
CA ALA A 437 -3.69 -25.29 2.81
C ALA A 437 -2.57 -25.62 1.84
N LYS A 438 -1.47 -26.21 2.35
CA LYS A 438 -0.30 -26.60 1.52
C LYS A 438 -0.72 -27.71 0.56
N SER A 439 -1.30 -28.79 1.09
CA SER A 439 -1.71 -30.00 0.33
C SER A 439 -2.67 -29.59 -0.80
N LEU A 440 -3.57 -28.63 -0.55
CA LEU A 440 -4.52 -28.15 -1.57
C LEU A 440 -3.74 -27.47 -2.71
N MET A 441 -2.85 -26.53 -2.38
CA MET A 441 -2.03 -25.80 -3.37
C MET A 441 -1.33 -26.81 -4.28
N THR A 442 -0.77 -27.87 -3.67
CA THR A 442 -0.07 -28.98 -4.37
C THR A 442 -1.03 -29.61 -5.40
N LEU A 443 -2.20 -30.05 -4.94
CA LEU A 443 -3.27 -30.65 -5.77
C LEU A 443 -3.65 -29.68 -6.90
N ILE A 444 -3.71 -28.39 -6.61
CA ILE A 444 -4.09 -27.32 -7.58
C ILE A 444 -3.02 -27.24 -8.67
N ASN A 445 -1.73 -27.34 -8.29
CA ASN A 445 -0.58 -27.14 -9.21
C ASN A 445 -0.17 -28.48 -9.81
N ASP A 446 -1.03 -29.50 -9.69
CA ASP A 446 -0.88 -30.84 -10.32
C ASP A 446 0.39 -31.50 -9.75
N GLY A 447 0.72 -31.25 -8.48
CA GLY A 447 1.81 -31.91 -7.75
C GLY A 447 3.08 -31.06 -7.65
N THR A 448 3.11 -29.90 -8.32
CA THR A 448 4.20 -28.89 -8.15
C THR A 448 4.02 -28.23 -6.77
N VAL A 449 4.67 -28.77 -5.74
CA VAL A 449 4.52 -28.30 -4.33
C VAL A 449 4.89 -26.82 -4.24
N LYS A 450 4.10 -26.05 -3.50
CA LYS A 450 4.41 -24.66 -3.10
C LYS A 450 4.54 -24.61 -1.57
N THR A 451 5.56 -23.93 -1.06
CA THR A 451 5.74 -23.62 0.38
C THR A 451 4.84 -22.43 0.71
N PRO A 452 3.93 -22.54 1.71
CA PRO A 452 3.16 -21.38 2.14
C PRO A 452 4.14 -20.34 2.70
N HIS A 453 4.13 -19.13 2.15
CA HIS A 453 5.03 -18.02 2.56
C HIS A 453 4.19 -16.77 2.85
N LEU A 454 4.50 -16.12 3.97
CA LEU A 454 3.94 -14.80 4.36
C LEU A 454 4.76 -13.69 3.68
N LEU A 455 6.08 -13.82 3.70
CA LEU A 455 7.02 -12.82 3.12
C LEU A 455 6.70 -12.67 1.63
N GLN A 456 6.47 -11.43 1.17
CA GLN A 456 6.26 -11.10 -0.26
C GLN A 456 7.56 -10.55 -0.84
N SER A 457 8.22 -9.65 -0.09
CA SER A 457 9.50 -9.01 -0.46
C SER A 457 10.15 -8.39 0.79
N THR A 458 11.45 -8.13 0.70
CA THR A 458 12.28 -7.52 1.76
C THR A 458 12.92 -6.26 1.19
N ARG A 459 12.85 -5.13 1.91
CA ARG A 459 13.59 -3.90 1.54
C ARG A 459 15.07 -4.10 1.88
N ILE A 460 15.88 -4.34 0.85
CA ILE A 460 17.36 -4.54 0.93
C ILE A 460 18.01 -3.42 0.13
N ASP A 461 18.58 -2.42 0.83
CA ASP A 461 19.21 -1.22 0.23
C ASP A 461 18.16 -0.47 -0.60
N GLY A 462 16.99 -0.19 0.00
CA GLY A 462 15.87 0.54 -0.60
C GLY A 462 15.31 -0.13 -1.86
N VAL A 463 15.62 -1.41 -2.07
CA VAL A 463 15.07 -2.25 -3.17
C VAL A 463 14.21 -3.36 -2.56
N LEU A 464 13.00 -3.57 -3.08
CA LEU A 464 12.13 -4.72 -2.73
C LEU A 464 12.69 -5.96 -3.46
N VAL A 465 13.30 -6.87 -2.70
CA VAL A 465 13.79 -8.17 -3.23
C VAL A 465 12.68 -9.20 -2.96
N PRO A 466 12.10 -9.82 -4.02
CA PRO A 466 10.92 -10.65 -3.87
C PRO A 466 11.28 -12.04 -3.29
N TYR A 467 10.36 -12.64 -2.56
CA TYR A 467 10.38 -14.09 -2.20
C TYR A 467 10.66 -14.93 -3.44
N LYS A 468 11.56 -15.91 -3.29
CA LYS A 468 11.95 -16.90 -4.32
C LYS A 468 11.99 -18.28 -3.66
N GLN A 469 11.18 -19.22 -4.15
CA GLN A 469 11.05 -20.57 -3.55
C GLN A 469 12.29 -21.39 -3.89
N GLU A 470 12.87 -22.03 -2.86
CA GLU A 470 14.06 -22.92 -2.91
C GLU A 470 13.62 -24.37 -3.10
N ASP A 471 12.41 -24.69 -2.63
CA ASP A 471 11.76 -26.03 -2.76
C ASP A 471 11.13 -26.16 -4.15
N SER A 472 11.79 -26.88 -5.06
CA SER A 472 11.34 -27.14 -6.46
C SER A 472 10.50 -28.42 -6.53
N THR A 473 10.24 -29.08 -5.40
CA THR A 473 9.62 -30.42 -5.26
C THR A 473 8.49 -30.63 -6.27
N GLN A 474 8.37 -31.85 -6.79
CA GLN A 474 7.23 -32.33 -7.60
C GLN A 474 6.85 -33.72 -7.08
N ILE A 475 5.58 -34.14 -7.23
CA ILE A 475 5.12 -35.51 -6.86
C ILE A 475 4.38 -36.12 -8.06
N GLY A 476 4.75 -37.35 -8.43
CA GLY A 476 4.22 -38.04 -9.62
C GLY A 476 4.38 -37.22 -10.88
N SER A 477 3.52 -37.45 -11.87
CA SER A 477 3.53 -36.75 -13.18
C SER A 477 2.44 -35.67 -13.21
N ILE A 478 2.85 -34.43 -13.48
CA ILE A 478 1.99 -33.22 -13.68
C ILE A 478 0.96 -33.49 -14.77
N ASN A 479 1.37 -34.22 -15.82
CA ASN A 479 0.55 -34.49 -17.04
C ASN A 479 -0.42 -35.66 -16.80
N SER A 480 -0.31 -36.38 -15.67
CA SER A 480 -1.30 -37.41 -15.26
C SER A 480 -2.65 -36.74 -15.00
N GLY A 481 -3.71 -37.22 -15.64
CA GLY A 481 -5.08 -36.67 -15.50
C GLY A 481 -5.74 -37.10 -14.19
N TYR A 482 -4.94 -37.41 -13.16
CA TYR A 482 -5.40 -37.85 -11.81
C TYR A 482 -5.76 -36.63 -10.96
N TRP A 483 -4.95 -35.58 -11.06
CA TRP A 483 -5.19 -34.28 -10.41
C TRP A 483 -6.52 -33.72 -10.94
N GLU A 484 -6.69 -33.71 -12.26
CA GLU A 484 -7.88 -33.15 -12.97
C GLU A 484 -9.16 -33.83 -12.46
N ILE A 485 -9.12 -35.14 -12.19
CA ILE A 485 -10.32 -35.89 -11.73
C ILE A 485 -10.56 -35.58 -10.24
N ALA A 486 -9.52 -35.68 -9.40
CA ALA A 486 -9.58 -35.33 -7.96
C ALA A 486 -10.15 -33.91 -7.78
N LYS A 487 -9.62 -32.95 -8.56
CA LYS A 487 -10.08 -31.53 -8.60
C LYS A 487 -11.52 -31.47 -9.11
N ASP A 488 -11.83 -32.21 -10.17
CA ASP A 488 -13.18 -32.25 -10.79
C ASP A 488 -14.19 -32.68 -9.72
N GLY A 489 -13.85 -33.70 -8.94
CA GLY A 489 -14.65 -34.12 -7.76
C GLY A 489 -15.00 -32.91 -6.91
N MET A 490 -14.00 -32.10 -6.58
CA MET A 490 -14.16 -30.89 -5.75
C MET A 490 -15.01 -29.89 -6.52
N TYR A 491 -14.79 -29.75 -7.84
CA TYR A 491 -15.67 -28.96 -8.75
C TYR A 491 -17.12 -29.39 -8.49
N GLY A 492 -17.33 -30.70 -8.37
CA GLY A 492 -18.65 -31.31 -8.10
C GLY A 492 -19.17 -30.99 -6.70
N VAL A 493 -18.31 -31.10 -5.69
CA VAL A 493 -18.66 -30.83 -4.26
C VAL A 493 -19.37 -29.47 -4.15
N ALA A 494 -19.13 -28.55 -5.09
CA ALA A 494 -19.58 -27.14 -5.04
C ALA A 494 -20.66 -26.84 -6.09
N ASN A 495 -20.51 -27.37 -7.30
CA ASN A 495 -21.28 -26.92 -8.50
C ASN A 495 -22.40 -27.91 -8.83
N ARG A 496 -22.19 -29.21 -8.58
CA ARG A 496 -23.13 -30.29 -9.01
C ARG A 496 -24.11 -30.62 -7.89
N PRO A 497 -25.32 -31.13 -8.23
CA PRO A 497 -26.42 -31.25 -7.26
C PRO A 497 -26.19 -32.31 -6.17
N ASN A 498 -25.36 -33.32 -6.46
CA ASN A 498 -25.00 -34.39 -5.48
C ASN A 498 -23.90 -33.88 -4.55
N GLY A 499 -23.19 -32.81 -4.95
CA GLY A 499 -22.07 -32.19 -4.20
C GLY A 499 -22.44 -31.89 -2.75
N THR A 500 -21.46 -31.97 -1.85
CA THR A 500 -21.64 -31.70 -0.39
C THR A 500 -21.87 -30.20 -0.18
N GLY A 501 -21.14 -29.35 -0.90
CA GLY A 501 -21.14 -27.89 -0.68
C GLY A 501 -21.87 -27.10 -1.76
N ARG A 502 -22.68 -27.76 -2.60
CA ARG A 502 -23.45 -27.12 -3.70
C ARG A 502 -24.27 -25.95 -3.15
N LYS A 503 -24.83 -26.10 -1.94
CA LYS A 503 -25.68 -25.11 -1.25
C LYS A 503 -24.95 -23.77 -1.09
N PHE A 504 -23.65 -23.84 -0.81
CA PHE A 504 -22.81 -22.69 -0.38
C PHE A 504 -22.35 -21.87 -1.60
N PHE A 505 -22.13 -22.52 -2.74
CA PHE A 505 -21.69 -21.89 -4.02
C PHE A 505 -22.87 -21.82 -4.98
N GLU A 506 -24.03 -21.41 -4.46
CA GLU A 506 -25.27 -21.16 -5.24
C GLU A 506 -25.06 -19.86 -6.04
N GLY A 507 -24.89 -19.98 -7.36
CA GLY A 507 -24.83 -18.86 -8.31
C GLY A 507 -23.58 -18.01 -8.12
N THR A 508 -22.40 -18.64 -8.14
CA THR A 508 -21.09 -17.98 -8.11
C THR A 508 -20.75 -17.48 -9.52
N PRO A 509 -20.46 -16.18 -9.71
CA PRO A 509 -19.98 -15.68 -11.01
C PRO A 509 -18.76 -16.47 -11.50
N TYR A 510 -17.91 -16.88 -10.56
CA TYR A 510 -16.73 -17.76 -10.72
C TYR A 510 -17.14 -19.22 -10.51
N LYS A 511 -16.30 -20.16 -10.95
CA LYS A 511 -16.50 -21.63 -10.73
C LYS A 511 -15.54 -22.08 -9.63
N ALA A 512 -16.09 -22.40 -8.44
CA ALA A 512 -15.35 -22.79 -7.22
C ALA A 512 -15.28 -24.31 -7.11
N ALA A 513 -14.16 -24.84 -6.61
CA ALA A 513 -13.96 -26.25 -6.21
C ALA A 513 -13.72 -26.32 -4.71
N ALA A 514 -14.38 -27.25 -4.02
CA ALA A 514 -14.34 -27.39 -2.55
C ALA A 514 -14.27 -28.89 -2.16
N LYS A 515 -13.78 -29.17 -0.96
CA LYS A 515 -13.94 -30.47 -0.27
C LYS A 515 -14.22 -30.18 1.20
N SER A 516 -15.49 -30.26 1.59
CA SER A 516 -15.98 -30.15 2.98
C SER A 516 -15.35 -31.26 3.83
N GLY A 517 -15.53 -31.20 5.14
CA GLY A 517 -15.04 -32.22 6.08
C GLY A 517 -15.58 -31.99 7.50
N THR A 518 -15.82 -33.06 8.24
CA THR A 518 -16.37 -33.06 9.61
C THR A 518 -15.57 -34.06 10.44
N ALA A 519 -14.98 -33.62 11.54
CA ALA A 519 -13.96 -34.39 12.31
C ALA A 519 -14.53 -34.78 13.68
N GLN A 520 -14.17 -35.98 14.16
CA GLN A 520 -14.71 -36.63 15.38
C GLN A 520 -16.14 -37.10 15.10
N ARG A 537 -18.61 -31.61 20.24
CA ARG A 537 -19.22 -31.29 18.93
C ARG A 537 -18.15 -31.37 17.83
N ASP A 538 -18.48 -31.90 16.65
CA ASP A 538 -17.52 -32.16 15.54
C ASP A 538 -16.96 -30.85 15.01
N HIS A 539 -15.66 -30.82 14.68
CA HIS A 539 -15.01 -29.72 13.91
C HIS A 539 -15.66 -29.72 12.52
N LYS A 540 -15.79 -28.56 11.89
CA LYS A 540 -16.30 -28.41 10.52
C LYS A 540 -15.19 -27.76 9.69
N LEU A 541 -14.81 -28.42 8.59
CA LEU A 541 -13.61 -28.09 7.78
C LEU A 541 -14.07 -27.84 6.35
N MET A 542 -13.41 -26.89 5.66
CA MET A 542 -13.54 -26.73 4.20
C MET A 542 -12.21 -26.20 3.67
N VAL A 543 -11.56 -27.00 2.82
CA VAL A 543 -10.59 -26.50 1.81
C VAL A 543 -11.42 -26.21 0.54
N ALA A 544 -11.00 -25.25 -0.26
CA ALA A 544 -11.69 -24.80 -1.48
C ALA A 544 -10.76 -23.88 -2.26
N PHE A 545 -11.00 -23.72 -3.56
CA PHE A 545 -10.19 -22.84 -4.44
C PHE A 545 -11.05 -22.37 -5.62
N ALA A 546 -10.57 -21.34 -6.31
CA ALA A 546 -11.28 -20.66 -7.42
C ALA A 546 -10.34 -19.69 -8.11
N PRO A 547 -10.69 -19.19 -9.31
CA PRO A 547 -11.73 -19.79 -10.14
C PRO A 547 -11.20 -21.12 -10.72
N TYR A 548 -11.90 -22.23 -10.45
CA TYR A 548 -11.50 -23.61 -10.85
C TYR A 548 -10.82 -23.59 -12.21
N GLU A 549 -11.49 -22.93 -13.18
CA GLU A 549 -11.03 -22.77 -14.59
C GLU A 549 -9.53 -22.47 -14.63
N ASN A 550 -9.04 -21.54 -13.80
CA ASN A 550 -7.59 -21.24 -13.65
C ASN A 550 -7.35 -20.53 -12.31
N PRO A 551 -7.11 -21.28 -11.21
CA PRO A 551 -7.30 -20.74 -9.85
C PRO A 551 -6.25 -19.72 -9.41
N THR A 552 -6.70 -18.70 -8.67
CA THR A 552 -5.86 -17.60 -8.09
C THR A 552 -6.10 -17.45 -6.59
N VAL A 553 -6.98 -18.27 -6.00
CA VAL A 553 -7.23 -18.31 -4.53
C VAL A 553 -7.50 -19.76 -4.10
N SER A 554 -7.06 -20.11 -2.89
CA SER A 554 -7.43 -21.36 -2.17
C SER A 554 -7.63 -21.02 -0.70
N VAL A 555 -8.57 -21.69 -0.04
CA VAL A 555 -8.90 -21.47 1.40
C VAL A 555 -8.83 -22.80 2.14
N ALA A 556 -8.40 -22.74 3.40
CA ALA A 556 -8.48 -23.84 4.37
C ALA A 556 -9.05 -23.24 5.66
N ILE A 557 -10.34 -23.45 5.88
CA ILE A 557 -11.04 -22.92 7.08
C ILE A 557 -11.42 -24.14 7.92
N ILE A 558 -11.29 -24.01 9.23
CA ILE A 558 -11.85 -24.94 10.24
C ILE A 558 -12.47 -24.10 11.34
N LEU A 559 -13.66 -24.50 11.79
CA LEU A 559 -14.36 -23.93 12.96
C LEU A 559 -14.40 -25.00 14.05
N GLU A 560 -13.46 -24.94 15.00
CA GLU A 560 -13.37 -25.89 16.13
C GLU A 560 -14.77 -26.11 16.72
N ASN A 561 -15.20 -27.37 16.81
CA ASN A 561 -16.47 -27.77 17.47
C ASN A 561 -17.64 -27.10 16.72
N GLY A 562 -17.58 -27.10 15.38
CA GLY A 562 -18.55 -26.43 14.50
C GLY A 562 -18.36 -24.92 14.51
N GLY A 563 -19.00 -24.21 13.58
CA GLY A 563 -19.04 -22.74 13.57
C GLY A 563 -19.72 -22.18 14.80
N ALA A 564 -19.22 -21.06 15.33
CA ALA A 564 -19.91 -20.29 16.41
C ALA A 564 -21.37 -20.12 16.00
N GLY A 565 -21.58 -19.80 14.72
CA GLY A 565 -22.90 -19.60 14.09
C GLY A 565 -22.87 -20.00 12.63
N PRO A 566 -22.19 -19.24 11.75
CA PRO A 566 -22.22 -19.53 10.32
C PRO A 566 -21.49 -20.84 10.01
N ALA A 567 -21.93 -21.51 8.94
CA ALA A 567 -21.34 -22.78 8.44
C ALA A 567 -19.96 -22.47 7.87
N VAL A 568 -19.06 -23.45 7.92
CA VAL A 568 -17.69 -23.35 7.33
C VAL A 568 -17.85 -23.04 5.84
N GLY A 569 -18.81 -23.70 5.17
CA GLY A 569 -19.08 -23.48 3.73
C GLY A 569 -19.53 -22.05 3.46
N THR A 570 -20.41 -21.51 4.33
CA THR A 570 -20.93 -20.12 4.27
C THR A 570 -19.74 -19.17 4.18
N ILE A 571 -18.83 -19.24 5.16
CA ILE A 571 -17.65 -18.36 5.31
C ILE A 571 -16.74 -18.51 4.10
N THR A 572 -16.47 -19.74 3.66
CA THR A 572 -15.65 -20.03 2.45
C THR A 572 -16.22 -19.27 1.24
N ARG A 573 -17.54 -19.30 1.07
CA ARG A 573 -18.23 -18.53 0.01
C ARG A 573 -17.88 -17.05 0.19
N GLN A 574 -18.17 -16.50 1.37
CA GLN A 574 -17.98 -15.06 1.71
C GLN A 574 -16.54 -14.64 1.39
N ILE A 575 -15.55 -15.47 1.75
CA ILE A 575 -14.10 -15.19 1.53
C ILE A 575 -13.81 -15.17 0.03
N LEU A 576 -14.26 -16.19 -0.70
CA LEU A 576 -14.04 -16.30 -2.17
C LEU A 576 -14.76 -15.16 -2.89
N ASP A 577 -15.94 -14.77 -2.40
CA ASP A 577 -16.71 -13.60 -2.89
C ASP A 577 -15.81 -12.36 -2.82
N HIS A 578 -15.42 -11.98 -1.60
CA HIS A 578 -14.58 -10.80 -1.24
C HIS A 578 -13.40 -10.64 -2.20
N ILE A 579 -12.61 -11.70 -2.42
CA ILE A 579 -11.34 -11.67 -3.19
C ILE A 579 -11.64 -11.59 -4.69
N LEU A 580 -12.58 -12.42 -5.18
CA LEU A 580 -12.77 -12.72 -6.63
C LEU A 580 -13.70 -11.69 -7.27
N LEU A 581 -14.63 -11.11 -6.49
CA LEU A 581 -15.54 -10.03 -6.94
C LEU A 581 -14.79 -8.69 -6.94
N GLY A 582 -13.88 -8.48 -5.98
CA GLY A 582 -13.07 -7.25 -5.83
C GLY A 582 -11.84 -7.23 -6.72
N ASP A 583 -11.43 -8.39 -7.25
CA ASP A 583 -10.22 -8.59 -8.10
C ASP A 583 -10.31 -7.70 -9.35
N ARG B 29 46.36 2.50 -5.55
CA ARG B 29 45.28 1.50 -5.85
C ARG B 29 44.31 1.32 -4.65
N ILE B 30 44.62 1.87 -3.47
CA ILE B 30 43.66 2.00 -2.32
C ILE B 30 43.04 3.40 -2.36
N LYS B 31 41.72 3.48 -2.55
CA LYS B 31 40.96 4.76 -2.70
C LYS B 31 39.69 4.74 -1.84
N LEU B 32 39.27 5.92 -1.37
CA LEU B 32 37.92 6.18 -0.79
C LEU B 32 36.99 6.49 -1.96
N VAL B 33 35.81 5.87 -2.02
CA VAL B 33 34.84 6.14 -3.13
C VAL B 33 33.43 6.34 -2.57
N PRO B 34 32.64 7.26 -3.17
CA PRO B 34 31.28 7.54 -2.70
C PRO B 34 30.33 6.38 -3.01
N ILE B 35 29.57 5.95 -1.99
CA ILE B 35 28.43 4.98 -2.09
C ILE B 35 27.13 5.79 -2.26
N ALA B 36 26.54 5.77 -3.46
CA ALA B 36 25.23 6.42 -3.74
C ALA B 36 24.20 5.91 -2.75
N PRO B 37 23.37 6.78 -2.12
CA PRO B 37 22.34 6.32 -1.19
C PRO B 37 21.11 5.83 -1.97
N SER B 38 20.35 4.91 -1.38
CA SER B 38 19.04 4.45 -1.92
C SER B 38 18.03 5.59 -1.73
N ARG B 39 17.42 6.04 -2.83
CA ARG B 39 16.38 7.08 -2.83
C ARG B 39 15.21 6.58 -1.99
N GLY B 40 14.68 7.42 -1.11
CA GLY B 40 13.45 7.15 -0.35
C GLY B 40 12.30 6.84 -1.29
N MET B 41 11.42 5.92 -0.92
CA MET B 41 10.27 5.53 -1.77
C MET B 41 9.14 6.54 -1.57
N ILE B 42 8.19 6.56 -2.51
CA ILE B 42 6.95 7.38 -2.44
C ILE B 42 5.75 6.43 -2.46
N PHE B 43 4.79 6.68 -1.56
CA PHE B 43 3.60 5.82 -1.32
C PHE B 43 2.33 6.67 -1.29
N ASP B 44 1.20 6.08 -1.71
CA ASP B 44 -0.16 6.67 -1.55
C ASP B 44 -0.51 6.65 -0.06
N ARG B 45 -1.72 7.12 0.31
CA ARG B 45 -2.16 7.25 1.73
C ARG B 45 -2.03 5.90 2.44
N ASN B 46 -2.33 4.79 1.76
CA ASN B 46 -2.38 3.42 2.36
C ASN B 46 -1.07 2.66 2.08
N GLY B 47 0.04 3.38 1.85
CA GLY B 47 1.40 2.81 1.77
C GLY B 47 1.66 2.04 0.49
N THR B 48 0.88 2.27 -0.56
CA THR B 48 1.05 1.62 -1.89
C THR B 48 2.25 2.23 -2.60
N PRO B 49 3.36 1.48 -2.80
CA PRO B 49 4.52 2.00 -3.51
C PRO B 49 4.15 2.62 -4.86
N LEU B 50 4.46 3.91 -5.06
CA LEU B 50 4.17 4.69 -6.30
C LEU B 50 5.48 4.96 -7.05
N ALA B 51 6.58 5.13 -6.30
CA ALA B 51 7.94 5.27 -6.82
C ALA B 51 8.83 4.26 -6.09
N LEU B 52 9.54 3.42 -6.86
CA LEU B 52 10.28 2.24 -6.37
C LEU B 52 11.72 2.31 -6.87
N ASN B 53 12.61 1.56 -6.22
CA ASN B 53 14.00 1.37 -6.67
C ASN B 53 14.17 -0.09 -7.08
N ARG B 54 14.45 -0.32 -8.37
CA ARG B 54 14.76 -1.66 -8.93
C ARG B 54 16.29 -1.75 -9.01
N THR B 55 16.87 -2.82 -8.48
CA THR B 55 18.31 -3.16 -8.70
C THR B 55 18.53 -3.43 -10.18
N ILE B 56 19.44 -2.70 -10.81
CA ILE B 56 19.97 -3.01 -12.16
C ILE B 56 21.38 -3.55 -11.97
N TYR B 57 21.62 -4.81 -12.34
CA TYR B 57 22.98 -5.39 -12.40
C TYR B 57 23.60 -4.96 -13.73
N GLN B 58 24.85 -4.51 -13.68
CA GLN B 58 25.65 -4.10 -14.86
C GLN B 58 26.94 -4.89 -14.85
N LEU B 59 27.35 -5.42 -16.01
CA LEU B 59 28.73 -5.90 -16.22
C LEU B 59 29.50 -4.73 -16.78
N GLU B 60 30.47 -4.22 -16.03
CA GLU B 60 31.34 -3.09 -16.44
C GLU B 60 32.80 -3.51 -16.27
N LEU B 61 33.65 -3.03 -17.18
CA LEU B 61 35.11 -3.34 -17.24
C LEU B 61 35.91 -2.06 -17.51
N MET B 62 37.23 -2.15 -17.29
CA MET B 62 38.24 -1.15 -17.73
C MET B 62 38.80 -1.59 -19.07
N PRO B 63 38.29 -1.07 -20.22
CA PRO B 63 38.63 -1.59 -21.54
C PRO B 63 40.10 -1.37 -21.95
N GLU B 64 40.74 -0.34 -21.38
CA GLU B 64 42.17 0.00 -21.62
C GLU B 64 43.02 -1.02 -20.85
N LYS B 65 42.51 -1.51 -19.70
CA LYS B 65 43.20 -2.48 -18.80
C LYS B 65 43.06 -3.91 -19.32
N ILE B 66 42.04 -4.19 -20.14
CA ILE B 66 41.79 -5.53 -20.75
C ILE B 66 42.32 -5.51 -22.19
N GLU B 67 43.52 -6.07 -22.40
CA GLU B 67 44.22 -6.07 -23.72
C GLU B 67 43.49 -7.01 -24.70
N ASN B 68 43.22 -8.25 -24.30
CA ASN B 68 42.54 -9.27 -25.15
C ASN B 68 41.03 -9.03 -25.12
N LEU B 69 40.59 -7.77 -25.13
CA LEU B 69 39.17 -7.40 -24.96
C LEU B 69 38.34 -8.12 -26.02
N SER B 70 38.60 -7.86 -27.30
CA SER B 70 37.79 -8.35 -28.45
C SER B 70 37.50 -9.85 -28.30
N ALA B 71 38.50 -10.62 -27.84
CA ALA B 71 38.40 -12.07 -27.57
C ALA B 71 37.48 -12.30 -26.37
N THR B 72 37.77 -11.63 -25.25
CA THR B 72 37.03 -11.69 -23.95
C THR B 72 35.52 -11.57 -24.20
N LEU B 73 35.11 -10.68 -25.12
CA LEU B 73 33.70 -10.36 -25.40
C LEU B 73 32.98 -11.59 -25.96
N ASN B 74 33.57 -12.25 -26.95
CA ASN B 74 33.07 -13.51 -27.57
C ASN B 74 32.84 -14.57 -26.48
N ALA B 75 33.77 -14.63 -25.53
CA ALA B 75 33.82 -15.63 -24.43
C ALA B 75 32.66 -15.40 -23.47
N LEU B 76 32.20 -14.16 -23.31
CA LEU B 76 31.13 -13.76 -22.37
C LEU B 76 29.75 -14.10 -22.96
N ARG B 77 29.63 -14.15 -24.30
CA ARG B 77 28.35 -14.31 -25.04
C ARG B 77 27.52 -15.46 -24.45
N PRO B 78 28.09 -16.69 -24.27
CA PRO B 78 27.32 -17.76 -23.63
C PRO B 78 27.06 -17.59 -22.13
N ILE B 79 27.92 -16.83 -21.42
CA ILE B 79 27.95 -16.75 -19.93
C ILE B 79 26.94 -15.72 -19.42
N VAL B 80 26.66 -14.66 -20.20
CA VAL B 80 25.72 -13.57 -19.79
C VAL B 80 24.70 -13.29 -20.92
N ASP B 81 24.70 -14.11 -21.98
CA ASP B 81 23.84 -13.92 -23.19
C ASP B 81 24.14 -12.55 -23.81
N LEU B 82 25.43 -12.15 -23.80
CA LEU B 82 25.91 -10.90 -24.44
C LEU B 82 25.57 -10.95 -25.94
N THR B 83 24.71 -10.05 -26.39
CA THR B 83 24.15 -9.99 -27.77
C THR B 83 25.02 -9.07 -28.63
N ASP B 84 24.91 -9.21 -29.96
CA ASP B 84 25.57 -8.32 -30.96
C ASP B 84 25.19 -6.86 -30.69
N ASP B 85 24.02 -6.61 -30.10
CA ASP B 85 23.53 -5.26 -29.73
C ASP B 85 24.29 -4.74 -28.51
N ASP B 86 24.46 -5.57 -27.47
CA ASP B 86 25.11 -5.18 -26.18
C ASP B 86 26.60 -4.85 -26.39
N ILE B 87 27.21 -5.36 -27.46
CA ILE B 87 28.63 -5.08 -27.83
C ILE B 87 28.68 -3.81 -28.71
N ALA B 88 27.69 -3.65 -29.60
CA ALA B 88 27.53 -2.44 -30.46
C ALA B 88 27.28 -1.21 -29.58
N ASN B 89 26.34 -1.30 -28.64
CA ASN B 89 25.97 -0.23 -27.67
C ASN B 89 27.13 0.05 -26.71
N PHE B 90 27.84 -1.00 -26.28
CA PHE B 90 29.02 -0.91 -25.37
C PHE B 90 30.13 -0.10 -26.04
N GLU B 91 30.37 -0.32 -27.34
CA GLU B 91 31.46 0.34 -28.10
C GLU B 91 30.97 1.71 -28.59
N LYS B 92 29.69 2.02 -28.34
CA LYS B 92 29.02 3.32 -28.63
C LYS B 92 29.11 4.24 -27.40
N GLU B 93 29.24 3.68 -26.19
CA GLU B 93 29.31 4.45 -24.90
C GLU B 93 30.74 4.48 -24.35
N ARG B 94 31.64 3.62 -24.85
CA ARG B 94 33.11 3.67 -24.55
C ARG B 94 33.78 4.64 -25.53
N LYS B 95 33.23 4.75 -26.75
CA LYS B 95 33.57 5.79 -27.76
C LYS B 95 33.22 7.18 -27.19
N ARG B 96 32.15 7.25 -26.38
CA ARG B 96 31.56 8.51 -25.85
C ARG B 96 31.84 8.65 -24.34
N SER B 97 33.00 8.21 -23.85
CA SER B 97 33.36 8.27 -22.40
C SER B 97 34.87 8.46 -22.18
N ARG B 98 35.20 8.88 -20.95
CA ARG B 98 36.57 9.10 -20.41
C ARG B 98 37.39 7.81 -20.54
N ARG B 99 38.71 7.96 -20.76
CA ARG B 99 39.68 6.85 -20.97
C ARG B 99 40.24 6.41 -19.61
N THR B 101 35.69 6.30 -17.23
CA THR B 101 35.73 5.31 -16.13
C THR B 101 35.52 3.91 -16.71
N SER B 102 35.15 2.93 -15.87
CA SER B 102 34.86 1.52 -16.25
C SER B 102 33.49 1.45 -16.92
N ILE B 103 33.47 1.13 -18.22
CA ILE B 103 32.25 1.18 -19.08
C ILE B 103 31.47 -0.13 -18.90
N ALA B 104 30.14 -0.05 -18.84
CA ALA B 104 29.20 -1.19 -18.73
C ALA B 104 29.17 -1.95 -20.06
N VAL B 105 29.61 -3.22 -20.04
CA VAL B 105 29.70 -4.08 -21.25
C VAL B 105 28.33 -4.68 -21.55
N LYS B 106 27.62 -5.19 -20.53
CA LYS B 106 26.22 -5.66 -20.66
C LYS B 106 25.37 -5.03 -19.56
N THR B 107 24.23 -4.44 -19.96
CA THR B 107 23.22 -3.82 -19.08
C THR B 107 21.84 -3.97 -19.73
N PRO B 108 20.77 -4.31 -18.96
CA PRO B 108 20.92 -4.79 -17.59
C PRO B 108 21.21 -6.29 -17.57
N LEU B 109 21.99 -6.77 -16.60
CA LEU B 109 22.16 -8.23 -16.33
C LEU B 109 20.96 -8.71 -15.54
N THR B 110 20.58 -9.98 -15.73
CA THR B 110 19.55 -10.68 -14.91
C THR B 110 20.28 -11.57 -13.89
N GLU B 111 19.73 -11.69 -12.68
CA GLU B 111 20.32 -12.45 -11.54
C GLU B 111 20.88 -13.78 -12.04
N VAL B 112 20.20 -14.38 -13.02
CA VAL B 112 20.64 -15.64 -13.69
C VAL B 112 22.00 -15.40 -14.35
N GLN B 113 22.08 -14.43 -15.27
CA GLN B 113 23.30 -14.07 -16.05
C GLN B 113 24.44 -13.69 -15.09
N VAL B 114 24.11 -12.98 -14.01
CA VAL B 114 25.07 -12.56 -12.94
C VAL B 114 25.65 -13.82 -12.30
N ALA B 115 24.77 -14.62 -11.68
CA ALA B 115 25.11 -15.91 -11.02
C ALA B 115 25.96 -16.78 -11.96
N ARG B 116 25.70 -16.72 -13.26
CA ARG B 116 26.42 -17.53 -14.28
C ARG B 116 27.82 -16.92 -14.48
N PHE B 117 27.93 -15.60 -14.50
CA PHE B 117 29.23 -14.90 -14.56
C PHE B 117 29.96 -15.07 -13.21
N ALA B 118 29.23 -15.05 -12.10
CA ALA B 118 29.76 -15.09 -10.71
C ALA B 118 30.65 -16.33 -10.53
N VAL B 119 30.31 -17.44 -11.18
CA VAL B 119 31.03 -18.75 -11.10
C VAL B 119 32.21 -18.75 -12.07
N ASN B 120 32.17 -17.88 -13.09
CA ASN B 120 33.26 -17.68 -14.08
C ASN B 120 34.00 -16.37 -13.80
N GLN B 121 33.97 -15.88 -12.56
CA GLN B 121 34.61 -14.59 -12.17
C GLN B 121 36.11 -14.69 -12.47
N PHE B 122 36.74 -15.79 -12.04
CA PHE B 122 38.20 -16.04 -12.12
C PHE B 122 38.67 -16.12 -13.58
N ARG B 123 37.80 -16.52 -14.49
CA ARG B 123 38.10 -16.72 -15.94
C ARG B 123 38.21 -15.37 -16.66
N PHE B 124 37.65 -14.31 -16.06
CA PHE B 124 37.65 -12.93 -16.63
C PHE B 124 38.37 -11.99 -15.67
N PRO B 125 39.48 -11.37 -16.11
CA PRO B 125 40.25 -10.49 -15.23
C PRO B 125 39.63 -9.09 -15.18
N GLY B 126 39.41 -8.57 -13.97
CA GLY B 126 39.03 -7.15 -13.73
C GLY B 126 37.56 -6.89 -13.98
N ILE B 127 36.94 -7.65 -14.90
CA ILE B 127 35.49 -7.56 -15.22
C ILE B 127 34.69 -7.95 -13.97
N GLU B 128 33.79 -7.07 -13.52
CA GLU B 128 33.01 -7.23 -12.26
C GLU B 128 31.54 -6.86 -12.51
N VAL B 129 30.65 -7.41 -11.68
CA VAL B 129 29.19 -7.13 -11.68
C VAL B 129 28.92 -6.02 -10.66
N LYS B 130 28.16 -5.00 -11.06
CA LYS B 130 27.86 -3.80 -10.23
C LYS B 130 26.34 -3.65 -10.05
N GLY B 131 25.89 -3.63 -8.80
CA GLY B 131 24.47 -3.45 -8.41
C GLY B 131 24.14 -1.98 -8.23
N TYR B 132 23.58 -1.36 -9.27
CA TYR B 132 23.02 0.02 -9.25
C TYR B 132 21.50 -0.07 -9.02
N GLN B 133 20.86 1.09 -8.85
CA GLN B 133 19.40 1.22 -8.61
C GLN B 133 18.80 2.26 -9.57
N ARG B 134 17.62 1.98 -10.09
CA ARG B 134 16.85 2.91 -10.96
C ARG B 134 15.44 3.09 -10.39
N ARG B 135 14.97 4.32 -10.42
CA ARG B 135 13.59 4.67 -10.02
C ARG B 135 12.67 3.86 -10.93
N PHE B 136 11.59 3.32 -10.39
CA PHE B 136 10.50 2.66 -11.14
C PHE B 136 9.18 3.30 -10.70
N TYR B 137 8.32 3.59 -11.67
CA TYR B 137 6.98 4.18 -11.46
C TYR B 137 5.94 3.16 -11.94
N PRO B 138 5.47 2.27 -11.05
CA PRO B 138 4.51 1.23 -11.38
C PRO B 138 3.32 1.74 -12.20
N TYR B 139 2.67 2.79 -11.72
CA TYR B 139 1.36 3.30 -12.22
C TYR B 139 1.58 4.33 -13.33
N GLY B 140 2.85 4.62 -13.64
CA GLY B 140 3.28 5.44 -14.79
C GLY B 140 2.46 6.72 -14.92
N SER B 141 1.72 6.84 -16.01
CA SER B 141 1.02 8.08 -16.46
C SER B 141 0.02 8.58 -15.40
N ALA B 142 -0.47 7.70 -14.53
CA ALA B 142 -1.48 7.99 -13.49
C ALA B 142 -0.99 9.11 -12.57
N LEU B 143 0.32 9.15 -12.27
CA LEU B 143 0.95 10.04 -11.26
C LEU B 143 1.99 10.97 -11.88
N THR B 144 2.18 10.93 -13.20
CA THR B 144 3.29 11.64 -13.90
C THR B 144 3.53 13.02 -13.29
N HIS B 145 2.44 13.76 -12.99
CA HIS B 145 2.48 15.18 -12.57
C HIS B 145 2.69 15.27 -11.06
N VAL B 146 1.92 14.56 -10.26
CA VAL B 146 1.99 14.66 -8.78
C VAL B 146 3.32 14.04 -8.31
N ILE B 147 3.59 12.78 -8.66
CA ILE B 147 4.85 12.07 -8.26
C ILE B 147 6.02 12.67 -9.06
N GLY B 148 5.75 13.19 -10.26
CA GLY B 148 6.81 13.65 -11.15
C GLY B 148 7.72 12.49 -11.50
N TYR B 149 9.03 12.75 -11.54
CA TYR B 149 10.04 11.74 -11.93
C TYR B 149 11.44 12.25 -11.61
N VAL B 150 12.37 11.31 -11.40
CA VAL B 150 13.84 11.56 -11.43
C VAL B 150 14.30 11.37 -12.87
N SER B 151 15.26 12.18 -13.32
CA SER B 151 15.90 12.09 -14.65
C SER B 151 17.41 12.24 -14.49
N LYS B 152 18.16 11.85 -15.52
CA LYS B 152 19.64 11.98 -15.59
C LYS B 152 20.04 13.40 -15.19
N ILE B 153 21.07 13.52 -14.36
CA ILE B 153 21.78 14.79 -14.04
C ILE B 153 22.67 15.14 -15.25
N ASN B 154 22.42 16.27 -15.90
CA ASN B 154 23.33 16.87 -16.92
C ASN B 154 24.15 17.96 -16.22
N ASP B 155 25.14 18.53 -16.93
CA ASP B 155 26.10 19.55 -16.39
C ASP B 155 25.34 20.79 -15.90
N LYS B 156 24.10 20.99 -16.36
CA LYS B 156 23.23 22.10 -15.90
C LYS B 156 22.72 21.83 -14.49
N ASP B 157 22.16 20.63 -14.24
CA ASP B 157 21.73 20.20 -12.89
C ASP B 157 22.93 20.25 -11.92
N VAL B 158 24.15 20.02 -12.44
CA VAL B 158 25.42 20.13 -11.67
C VAL B 158 25.57 21.57 -11.16
N GLU B 159 25.74 22.53 -12.09
CA GLU B 159 25.90 23.97 -11.79
C GLU B 159 25.00 24.36 -10.61
N ARG B 160 23.72 23.96 -10.68
CA ARG B 160 22.66 24.27 -9.69
C ARG B 160 23.00 23.67 -8.32
N LEU B 161 23.40 22.39 -8.30
CA LEU B 161 23.80 21.65 -7.08
C LEU B 161 25.05 22.29 -6.48
N ASP B 162 25.93 22.81 -7.34
CA ASP B 162 27.23 23.44 -6.99
C ASP B 162 26.97 24.66 -6.08
N LYS B 163 26.12 25.59 -6.51
CA LYS B 163 25.82 26.87 -5.81
C LYS B 163 25.05 26.61 -4.51
N GLU B 164 24.31 25.50 -4.41
CA GLU B 164 23.57 25.10 -3.19
C GLU B 164 24.51 24.42 -2.20
N GLY B 165 25.71 24.03 -2.64
CA GLY B 165 26.76 23.41 -1.80
C GLY B 165 26.34 22.04 -1.29
N ILE B 166 25.79 21.21 -2.19
CA ILE B 166 25.35 19.80 -1.89
C ILE B 166 25.86 18.85 -2.98
N LEU B 167 26.70 19.32 -3.91
CA LEU B 167 27.25 18.51 -5.03
C LEU B 167 28.05 17.31 -4.51
N PRO B 168 28.76 17.42 -3.37
CA PRO B 168 29.32 16.26 -2.68
C PRO B 168 28.34 15.11 -2.39
N ASN B 169 27.08 15.43 -2.13
CA ASN B 169 26.04 14.41 -1.78
C ASN B 169 25.61 13.67 -3.05
N TYR B 170 25.75 14.28 -4.22
CA TYR B 170 25.33 13.73 -5.53
C TYR B 170 26.55 13.21 -6.31
N ALA B 171 27.67 13.01 -5.60
CA ALA B 171 28.94 12.48 -6.13
C ALA B 171 28.69 11.18 -6.90
N ALA B 172 28.07 10.19 -6.25
CA ALA B 172 27.81 8.83 -6.76
C ALA B 172 26.41 8.72 -7.37
N THR B 173 25.59 9.78 -7.27
CA THR B 173 24.18 9.80 -7.72
C THR B 173 24.11 10.26 -9.18
N HIS B 174 23.34 9.56 -10.00
CA HIS B 174 23.21 9.77 -11.47
C HIS B 174 21.89 10.47 -11.79
N ASP B 175 20.80 10.08 -11.12
CA ASP B 175 19.44 10.64 -11.35
C ASP B 175 19.06 11.62 -10.23
N ILE B 176 18.23 12.61 -10.55
CA ILE B 176 17.74 13.65 -9.60
C ILE B 176 16.28 13.97 -9.90
N GLY B 177 15.49 14.23 -8.83
CA GLY B 177 14.08 14.68 -8.90
C GLY B 177 13.93 15.95 -9.72
N LYS B 178 13.31 15.85 -10.90
CA LYS B 178 13.19 16.95 -11.88
C LYS B 178 11.75 17.45 -11.99
N LEU B 179 10.78 16.74 -11.37
CA LEU B 179 9.35 17.12 -11.41
C LEU B 179 8.63 16.57 -10.19
N GLY B 180 7.48 17.16 -9.87
CA GLY B 180 6.51 16.68 -8.88
C GLY B 180 7.12 16.52 -7.51
N ILE B 181 6.62 15.57 -6.74
CA ILE B 181 7.10 15.20 -5.37
C ILE B 181 8.59 14.86 -5.44
N GLU B 182 9.04 14.21 -6.52
CA GLU B 182 10.46 13.84 -6.73
C GLU B 182 11.33 15.09 -6.61
N ARG B 183 10.91 16.21 -7.21
CA ARG B 183 11.64 17.50 -7.18
C ARG B 183 11.47 18.17 -5.81
N TYR B 184 10.23 18.48 -5.40
CA TYR B 184 9.96 19.26 -4.16
C TYR B 184 10.62 18.60 -2.96
N TYR B 185 10.69 17.25 -2.93
CA TYR B 185 11.21 16.48 -1.78
C TYR B 185 12.55 15.81 -2.13
N GLU B 186 13.10 16.07 -3.32
CA GLU B 186 14.43 15.59 -3.75
C GLU B 186 15.37 15.52 -2.54
N SER B 187 15.40 16.59 -1.74
CA SER B 187 16.24 16.72 -0.52
C SER B 187 16.00 15.53 0.41
N THR B 188 14.74 15.36 0.84
CA THR B 188 14.31 14.32 1.82
C THR B 188 14.40 12.93 1.17
N LEU B 189 14.29 12.84 -0.16
CA LEU B 189 14.21 11.55 -0.90
C LEU B 189 15.62 11.05 -1.24
N HIS B 190 16.62 11.93 -1.33
CA HIS B 190 17.99 11.58 -1.79
C HIS B 190 18.74 10.80 -0.73
N GLY B 191 18.84 11.35 0.49
CA GLY B 191 19.59 10.77 1.62
C GLY B 191 21.02 11.27 1.66
N LYS B 192 21.75 11.00 2.74
CA LYS B 192 23.19 11.33 2.88
C LYS B 192 23.99 10.25 2.14
N THR B 193 25.02 10.66 1.40
CA THR B 193 25.94 9.75 0.67
C THR B 193 26.88 9.06 1.67
N GLY B 194 27.29 7.84 1.35
CA GLY B 194 28.22 7.01 2.15
C GLY B 194 29.55 6.88 1.45
N TYR B 195 30.54 6.23 2.07
CA TYR B 195 31.93 6.16 1.57
C TYR B 195 32.54 4.81 1.93
N GLU B 196 33.32 4.23 1.02
CA GLU B 196 34.07 2.97 1.29
C GLU B 196 35.54 3.20 0.89
N GLU B 197 36.45 2.85 1.81
CA GLU B 197 37.89 2.63 1.54
C GLU B 197 38.06 1.20 1.03
N VAL B 198 38.59 1.03 -0.17
CA VAL B 198 38.69 -0.30 -0.87
C VAL B 198 40.06 -0.41 -1.53
N GLU B 199 40.70 -1.58 -1.44
CA GLU B 199 41.84 -1.92 -2.34
C GLU B 199 41.26 -2.30 -3.71
N VAL B 200 42.00 -1.98 -4.76
CA VAL B 200 41.68 -2.35 -6.17
C VAL B 200 42.92 -3.03 -6.74
N ASN B 201 42.75 -4.17 -7.40
CA ASN B 201 43.85 -4.92 -8.05
C ASN B 201 44.31 -4.15 -9.30
N ASN B 202 45.44 -4.57 -9.90
CA ASN B 202 45.97 -4.01 -11.16
C ASN B 202 45.05 -4.42 -12.33
N ARG B 203 44.12 -5.35 -12.09
CA ARG B 203 43.03 -5.74 -13.03
C ARG B 203 41.96 -4.64 -13.04
N GLY B 204 41.75 -3.97 -11.90
CA GLY B 204 40.85 -2.79 -11.77
C GLY B 204 39.63 -3.09 -10.93
N ARG B 205 39.44 -4.34 -10.51
CA ARG B 205 38.30 -4.79 -9.66
C ARG B 205 38.61 -4.52 -8.19
N VAL B 206 37.61 -4.12 -7.40
CA VAL B 206 37.75 -3.89 -5.92
C VAL B 206 38.11 -5.24 -5.29
N ILE B 207 39.31 -5.34 -4.71
CA ILE B 207 39.81 -6.58 -4.06
C ILE B 207 39.03 -6.79 -2.75
N ARG B 208 39.06 -5.79 -1.86
CA ARG B 208 38.37 -5.86 -0.54
C ARG B 208 37.98 -4.45 -0.08
N GLN B 209 37.24 -4.39 1.03
CA GLN B 209 36.75 -3.15 1.68
C GLN B 209 37.54 -2.93 2.97
N LEU B 210 38.27 -1.82 3.05
CA LEU B 210 39.16 -1.47 4.18
C LEU B 210 38.33 -0.83 5.29
N HIS B 211 37.65 0.28 4.95
CA HIS B 211 36.70 0.99 5.84
C HIS B 211 35.51 1.46 5.01
N GLU B 212 34.40 1.76 5.68
CA GLU B 212 33.08 1.99 5.04
C GLU B 212 32.18 2.80 5.99
N GLN B 213 31.82 4.03 5.60
CA GLN B 213 30.73 4.83 6.20
C GLN B 213 29.47 4.62 5.37
N PRO B 214 28.45 3.88 5.87
CA PRO B 214 27.31 3.47 5.05
C PRO B 214 26.40 4.64 4.70
N PRO B 215 25.88 4.75 3.45
CA PRO B 215 25.02 5.87 3.07
C PRO B 215 23.70 5.84 3.85
N GLN B 216 23.33 6.96 4.46
CA GLN B 216 22.01 7.14 5.13
C GLN B 216 20.96 7.20 4.02
N ALA B 217 20.09 6.18 3.94
CA ALA B 217 19.10 5.98 2.86
C ALA B 217 18.06 7.10 2.90
N GLY B 218 17.65 7.61 1.74
CA GLY B 218 16.69 8.71 1.61
C GLY B 218 15.41 8.40 2.37
N LYS B 219 14.76 9.40 2.96
CA LYS B 219 13.53 9.19 3.76
C LYS B 219 12.40 8.78 2.80
N ASP B 220 11.60 7.79 3.22
CA ASP B 220 10.34 7.42 2.54
C ASP B 220 9.33 8.56 2.75
N ILE B 221 8.57 8.85 1.70
CA ILE B 221 7.49 9.88 1.68
C ILE B 221 6.15 9.17 1.45
N TYR B 222 5.23 9.30 2.40
CA TYR B 222 3.82 8.82 2.31
C TYR B 222 2.93 10.00 1.92
N LEU B 223 2.40 9.97 0.70
CA LEU B 223 1.50 11.04 0.19
C LEU B 223 0.08 10.80 0.71
N THR B 224 -0.77 11.82 0.61
CA THR B 224 -2.20 11.81 1.00
C THR B 224 -3.05 11.34 -0.19
N LEU B 225 -2.42 11.17 -1.36
CA LEU B 225 -3.02 10.61 -2.60
C LEU B 225 -3.69 9.27 -2.29
N ASP B 226 -4.79 8.99 -2.99
CA ASP B 226 -5.47 7.68 -3.03
C ASP B 226 -5.31 7.15 -4.46
N LEU B 227 -4.45 6.16 -4.65
CA LEU B 227 -4.09 5.64 -5.98
C LEU B 227 -5.37 5.20 -6.72
N SER B 228 -6.23 4.44 -6.04
CA SER B 228 -7.53 3.94 -6.57
C SER B 228 -8.26 5.11 -7.25
N LEU B 229 -8.49 6.18 -6.50
CA LEU B 229 -9.13 7.42 -6.99
C LEU B 229 -8.30 8.03 -8.12
N GLN B 230 -7.00 8.20 -7.90
CA GLN B 230 -6.08 8.89 -8.84
C GLN B 230 -6.17 8.22 -10.23
N ILE B 231 -6.12 6.88 -10.27
CA ILE B 231 -6.27 6.10 -11.54
C ILE B 231 -7.65 6.43 -12.12
N TYR B 232 -8.68 6.29 -11.28
CA TYR B 232 -10.12 6.43 -11.64
C TYR B 232 -10.34 7.79 -12.32
N ILE B 233 -9.74 8.85 -11.78
CA ILE B 233 -9.84 10.22 -12.37
C ILE B 233 -9.20 10.18 -13.76
N GLU B 234 -7.96 9.70 -13.87
CA GLU B 234 -7.21 9.66 -15.16
C GLU B 234 -8.07 8.97 -16.22
N LYS B 235 -8.74 7.88 -15.82
CA LYS B 235 -9.68 7.12 -16.67
C LYS B 235 -10.73 8.10 -17.22
N LEU B 236 -11.37 8.86 -16.31
CA LEU B 236 -12.52 9.76 -16.59
C LEU B 236 -12.11 10.95 -17.46
N LEU B 237 -10.85 11.37 -17.40
CA LEU B 237 -10.33 12.55 -18.16
C LEU B 237 -9.69 12.11 -19.48
N SER B 238 -9.91 10.87 -19.92
CA SER B 238 -9.24 10.31 -21.12
C SER B 238 -9.52 11.21 -22.34
N GLY B 239 -8.47 11.64 -23.04
CA GLY B 239 -8.55 12.41 -24.30
C GLY B 239 -8.90 13.88 -24.09
N SER B 240 -9.36 14.25 -22.89
CA SER B 240 -9.70 15.65 -22.51
C SER B 240 -8.48 16.33 -21.87
N ARG B 241 -7.97 17.40 -22.47
CA ARG B 241 -7.12 18.39 -21.74
C ARG B 241 -7.93 18.82 -20.52
N ALA B 242 -7.50 18.42 -19.32
CA ALA B 242 -8.30 18.58 -18.09
C ALA B 242 -7.39 18.55 -16.86
N ALA B 243 -7.96 18.84 -15.70
CA ALA B 243 -7.26 18.82 -14.39
C ALA B 243 -8.29 18.63 -13.29
N VAL B 244 -7.98 17.78 -12.31
CA VAL B 244 -8.84 17.51 -11.14
C VAL B 244 -7.97 17.60 -9.90
N VAL B 245 -8.52 18.13 -8.82
CA VAL B 245 -7.87 18.14 -7.48
C VAL B 245 -8.95 17.78 -6.47
N VAL B 246 -9.09 16.49 -6.18
CA VAL B 246 -9.83 16.04 -4.97
C VAL B 246 -8.94 16.38 -3.78
N THR B 247 -9.54 16.74 -2.65
CA THR B 247 -8.86 17.16 -1.40
C THR B 247 -9.75 16.74 -0.24
N ASP B 248 -9.15 16.28 0.86
CA ASP B 248 -9.89 16.17 2.15
C ASP B 248 -9.82 17.56 2.77
N PRO B 249 -10.95 18.30 2.82
CA PRO B 249 -10.95 19.68 3.30
C PRO B 249 -10.64 19.78 4.81
N ARG B 250 -10.86 18.69 5.55
CA ARG B 250 -10.59 18.60 7.00
C ARG B 250 -9.07 18.67 7.27
N THR B 251 -8.24 18.17 6.35
CA THR B 251 -6.76 18.07 6.51
C THR B 251 -6.02 19.05 5.58
N GLY B 252 -6.55 19.30 4.39
CA GLY B 252 -5.82 19.95 3.28
C GLY B 252 -5.21 18.91 2.36
N GLY B 253 -5.19 17.65 2.81
CA GLY B 253 -4.62 16.50 2.08
C GLY B 253 -5.27 16.35 0.71
N ILE B 254 -4.43 16.23 -0.33
CA ILE B 254 -4.87 16.07 -1.75
C ILE B 254 -5.07 14.57 -2.01
N LEU B 255 -6.32 14.13 -2.01
CA LEU B 255 -6.70 12.72 -2.28
C LEU B 255 -6.32 12.37 -3.72
N ALA B 256 -6.33 13.34 -4.64
CA ALA B 256 -5.99 13.09 -6.06
C ALA B 256 -5.65 14.41 -6.75
N LEU B 257 -4.67 14.38 -7.66
CA LEU B 257 -4.21 15.56 -8.43
C LEU B 257 -3.82 15.09 -9.83
N VAL B 258 -4.69 15.33 -10.80
CA VAL B 258 -4.62 14.69 -12.14
C VAL B 258 -4.62 15.78 -13.22
N SER B 259 -3.62 15.75 -14.09
CA SER B 259 -3.57 16.54 -15.34
C SER B 259 -3.61 15.58 -16.52
N ASN B 260 -4.46 15.87 -17.50
CA ASN B 260 -4.55 15.12 -18.75
C ASN B 260 -4.29 16.11 -19.88
N PRO B 261 -3.57 15.73 -20.95
CA PRO B 261 -2.96 14.42 -21.06
C PRO B 261 -1.66 14.35 -20.21
N SER B 262 -1.30 13.13 -19.84
CA SER B 262 -0.05 12.76 -19.12
C SER B 262 0.86 12.01 -20.10
N TYR B 263 1.96 11.46 -19.58
CA TYR B 263 2.99 10.66 -20.31
C TYR B 263 3.57 9.65 -19.32
N ASP B 264 4.44 8.74 -19.78
CA ASP B 264 5.14 7.78 -18.89
C ASP B 264 6.25 8.53 -18.17
N PRO B 265 6.22 8.64 -16.82
CA PRO B 265 7.32 9.25 -16.08
C PRO B 265 8.62 8.46 -16.28
N ASN B 266 8.49 7.14 -16.51
CA ASN B 266 9.61 6.17 -16.66
C ASN B 266 10.49 6.55 -17.86
N LEU B 267 9.97 7.26 -18.87
CA LEU B 267 10.75 7.67 -20.07
C LEU B 267 11.90 8.60 -19.68
N PHE B 268 11.83 9.22 -18.50
CA PHE B 268 12.79 10.24 -18.00
C PHE B 268 13.85 9.59 -17.09
N VAL B 269 13.52 8.51 -16.38
CA VAL B 269 14.40 7.81 -15.39
C VAL B 269 15.74 7.45 -16.04
N ASP B 270 15.70 6.60 -17.07
CA ASP B 270 16.89 6.31 -17.92
C ASP B 270 17.55 7.64 -18.31
N GLY B 271 16.73 8.54 -18.87
CA GLY B 271 17.15 9.79 -19.52
C GLY B 271 16.40 9.95 -20.83
N ILE B 272 15.78 11.11 -21.05
CA ILE B 272 14.85 11.32 -22.20
C ILE B 272 15.69 11.65 -23.44
N SER B 273 15.35 11.05 -24.58
CA SER B 273 15.90 11.40 -25.92
C SER B 273 15.33 12.74 -26.36
N ASN B 274 16.18 13.63 -26.90
CA ASN B 274 15.74 14.94 -27.45
C ASN B 274 14.66 14.68 -28.51
N LYS B 275 14.67 13.51 -29.16
CA LYS B 275 13.57 13.05 -30.05
C LYS B 275 12.29 12.86 -29.22
N ASP B 276 12.37 12.14 -28.10
CA ASP B 276 11.23 11.82 -27.20
C ASP B 276 10.71 13.09 -26.52
N TYR B 277 11.60 13.98 -26.04
CA TYR B 277 11.24 15.22 -25.32
C TYR B 277 10.53 16.19 -26.28
N GLN B 278 11.16 16.48 -27.44
CA GLN B 278 10.60 17.34 -28.52
C GLN B 278 9.23 16.79 -28.95
N GLY B 279 8.97 15.50 -28.74
CA GLY B 279 7.62 14.92 -28.83
C GLY B 279 6.66 15.55 -27.81
N LEU B 280 6.98 15.39 -26.51
CA LEU B 280 6.15 15.89 -25.38
C LEU B 280 6.09 17.43 -25.42
N LEU B 281 7.23 18.07 -25.71
CA LEU B 281 7.33 19.54 -25.82
C LEU B 281 6.33 20.01 -26.88
N ASN B 282 6.47 19.54 -28.12
CA ASN B 282 5.76 20.06 -29.31
C ASN B 282 4.36 19.45 -29.44
N ASP B 283 3.95 18.57 -28.54
CA ASP B 283 2.58 17.99 -28.53
C ASP B 283 1.58 19.12 -28.34
N THR B 284 0.67 19.26 -29.30
CA THR B 284 -0.46 20.24 -29.33
C THR B 284 -1.11 20.31 -27.95
N ASN B 285 -1.48 19.16 -27.36
CA ASN B 285 -2.24 19.05 -26.10
C ASN B 285 -1.37 19.41 -24.88
N ARG B 286 -0.07 19.67 -25.08
CA ARG B 286 0.88 20.12 -24.02
C ARG B 286 0.73 19.22 -22.78
N PRO B 287 1.13 17.94 -22.85
CA PRO B 287 1.02 17.05 -21.69
C PRO B 287 1.98 17.41 -20.55
N LEU B 288 3.10 18.05 -20.87
CA LEU B 288 4.19 18.37 -19.91
C LEU B 288 3.63 19.24 -18.77
N ILE B 289 2.60 20.04 -19.07
CA ILE B 289 2.00 21.02 -18.12
C ILE B 289 1.15 20.27 -17.09
N ASN B 290 1.40 20.50 -15.81
CA ASN B 290 0.50 20.10 -14.69
C ASN B 290 -0.64 21.11 -14.62
N ARG B 291 -1.70 20.87 -15.40
CA ARG B 291 -2.89 21.75 -15.50
C ARG B 291 -3.50 22.01 -14.12
N ALA B 292 -3.28 21.14 -13.14
CA ALA B 292 -3.87 21.26 -11.78
C ALA B 292 -3.25 22.44 -11.03
N THR B 293 -1.96 22.71 -11.26
CA THR B 293 -1.16 23.71 -10.48
C THR B 293 -0.53 24.77 -11.40
N GLN B 294 -0.36 24.47 -12.70
CA GLN B 294 0.30 25.37 -13.69
C GLN B 294 -0.70 25.86 -14.75
N GLY B 295 -1.93 25.35 -14.73
CA GLY B 295 -3.01 25.78 -15.62
C GLY B 295 -3.64 27.08 -15.12
N VAL B 296 -3.55 28.16 -15.91
CA VAL B 296 -4.22 29.45 -15.60
C VAL B 296 -5.49 29.52 -16.46
N TYR B 297 -6.65 29.46 -15.79
CA TYR B 297 -8.00 29.49 -16.42
C TYR B 297 -8.83 30.60 -15.78
N PRO B 298 -9.77 31.24 -16.50
CA PRO B 298 -10.75 32.09 -15.85
C PRO B 298 -11.54 31.19 -14.92
N PRO B 299 -11.54 31.45 -13.60
CA PRO B 299 -12.27 30.61 -12.65
C PRO B 299 -13.80 30.72 -12.81
N ALA B 300 -14.24 31.67 -13.64
CA ALA B 300 -15.66 31.86 -14.01
C ALA B 300 -16.54 31.70 -12.77
N SER B 301 -17.69 31.06 -12.93
CA SER B 301 -18.71 31.05 -11.89
C SER B 301 -18.34 30.36 -10.58
N THR B 302 -17.23 29.61 -10.57
CA THR B 302 -16.80 28.90 -9.38
C THR B 302 -16.52 29.90 -8.25
N VAL B 303 -16.14 31.12 -8.64
CA VAL B 303 -15.71 32.25 -7.78
C VAL B 303 -16.88 32.82 -6.97
N LYS B 304 -18.11 32.66 -7.48
CA LYS B 304 -19.32 33.40 -7.01
C LYS B 304 -19.54 33.17 -5.52
N PRO B 305 -19.48 31.93 -5.00
CA PRO B 305 -19.65 31.67 -3.57
C PRO B 305 -18.71 32.48 -2.67
N TYR B 306 -17.46 32.66 -3.09
CA TYR B 306 -16.41 33.37 -2.31
C TYR B 306 -16.71 34.87 -2.39
N ILE B 307 -16.92 35.36 -3.62
CA ILE B 307 -17.41 36.74 -3.93
C ILE B 307 -18.65 37.04 -3.08
N ALA B 308 -19.59 36.09 -3.01
CA ALA B 308 -20.82 36.19 -2.18
C ALA B 308 -20.42 36.48 -0.74
N VAL B 309 -19.62 35.60 -0.12
CA VAL B 309 -19.15 35.70 1.29
C VAL B 309 -18.47 37.06 1.51
N SER B 310 -17.66 37.48 0.55
CA SER B 310 -16.88 38.76 0.59
C SER B 310 -17.82 39.97 0.62
N ALA B 311 -18.87 39.94 -0.21
CA ALA B 311 -19.90 41.01 -0.33
C ALA B 311 -20.70 41.11 0.98
N LEU B 312 -20.99 39.97 1.61
CA LEU B 312 -21.72 39.89 2.92
C LEU B 312 -20.83 40.47 4.04
N SER B 313 -19.58 40.00 4.15
CA SER B 313 -18.57 40.45 5.15
C SER B 313 -18.33 41.96 5.01
N ALA B 314 -18.27 42.46 3.77
CA ALA B 314 -18.12 43.90 3.42
C ALA B 314 -19.47 44.62 3.56
N GLY B 315 -20.57 43.87 3.74
CA GLY B 315 -21.93 44.39 3.94
C GLY B 315 -22.43 45.18 2.74
N VAL B 316 -21.87 44.93 1.56
CA VAL B 316 -22.25 45.57 0.25
C VAL B 316 -23.53 44.91 -0.26
N ILE B 317 -23.86 43.73 0.29
CA ILE B 317 -25.19 43.07 0.19
C ILE B 317 -25.47 42.42 1.55
N THR B 318 -26.67 41.86 1.73
CA THR B 318 -27.13 41.18 2.96
C THR B 318 -27.93 39.92 2.58
N LYS B 319 -28.09 39.00 3.55
CA LYS B 319 -28.75 37.66 3.38
C LYS B 319 -29.85 37.76 2.33
N ASN B 320 -30.80 38.68 2.55
CA ASN B 320 -31.90 39.03 1.61
C ASN B 320 -31.62 40.43 1.04
N THR B 321 -31.13 40.48 -0.20
CA THR B 321 -30.88 41.73 -0.96
C THR B 321 -31.44 41.57 -2.38
N SER B 322 -32.78 41.57 -2.49
CA SER B 322 -33.53 41.48 -3.76
C SER B 322 -32.96 42.49 -4.77
N LEU B 323 -32.56 41.99 -5.94
CA LEU B 323 -32.26 42.78 -7.17
C LEU B 323 -33.03 42.12 -8.31
N PHE B 324 -33.49 42.89 -9.30
CA PHE B 324 -34.23 42.36 -10.47
C PHE B 324 -33.27 42.19 -11.66
N ASP B 325 -33.29 40.99 -12.26
CA ASP B 325 -32.49 40.62 -13.45
C ASP B 325 -33.40 40.59 -14.67
N PRO B 326 -33.11 41.42 -15.69
CA PRO B 326 -33.76 41.32 -17.00
C PRO B 326 -33.01 40.44 -18.02
N GLY B 327 -31.94 39.76 -17.57
CA GLY B 327 -31.04 38.95 -18.42
C GLY B 327 -29.90 39.78 -18.97
N TRP B 328 -29.73 40.98 -18.44
CA TRP B 328 -28.59 41.88 -18.77
C TRP B 328 -28.39 42.88 -17.63
N TRP B 329 -27.34 43.69 -17.75
CA TRP B 329 -26.93 44.71 -16.76
C TRP B 329 -26.00 45.69 -17.45
N GLN B 330 -26.40 46.96 -17.56
CA GLN B 330 -25.66 48.02 -18.29
C GLN B 330 -24.73 48.74 -17.29
N LEU B 331 -23.58 49.20 -17.78
CA LEU B 331 -22.55 49.93 -17.00
C LEU B 331 -22.94 51.40 -16.96
N PRO B 332 -23.42 51.91 -15.80
CA PRO B 332 -23.79 53.33 -15.69
C PRO B 332 -22.58 54.25 -15.89
N LYS B 336 -22.12 50.30 -21.64
CA LYS B 336 -22.09 48.92 -22.20
C LYS B 336 -23.04 48.02 -21.39
N ARG B 337 -23.62 47.00 -22.02
CA ARG B 337 -24.47 45.94 -21.39
C ARG B 337 -23.63 44.68 -21.17
N TYR B 338 -24.04 43.83 -20.23
CA TYR B 338 -23.41 42.53 -19.91
C TYR B 338 -24.48 41.44 -19.82
N ARG B 339 -24.44 40.47 -20.74
CA ARG B 339 -25.50 39.45 -20.94
C ARG B 339 -25.39 38.37 -19.86
N ASP B 340 -26.43 38.21 -19.05
CA ASP B 340 -26.63 37.01 -18.20
C ASP B 340 -26.73 35.79 -19.12
N TRP B 341 -26.37 34.60 -18.63
CA TRP B 341 -26.50 33.33 -19.39
C TRP B 341 -27.98 33.10 -19.72
N LYS B 342 -28.87 33.35 -18.75
CA LYS B 342 -30.34 33.30 -18.89
C LYS B 342 -30.79 34.54 -19.69
N LYS B 343 -31.18 34.36 -20.96
CA LYS B 343 -31.42 35.46 -21.94
C LYS B 343 -32.45 36.46 -21.41
N TRP B 344 -33.50 35.98 -20.73
CA TRP B 344 -34.56 36.83 -20.11
C TRP B 344 -34.45 36.79 -18.58
N GLY B 345 -33.24 36.59 -18.06
CA GLY B 345 -32.93 36.83 -16.63
C GLY B 345 -33.62 35.85 -15.70
N HIS B 346 -33.29 35.96 -14.41
CA HIS B 346 -33.80 35.12 -13.30
C HIS B 346 -34.88 35.87 -12.52
N GLY B 347 -35.02 37.18 -12.80
CA GLY B 347 -35.96 38.08 -12.10
C GLY B 347 -35.42 38.51 -10.75
N ARG B 348 -36.24 38.40 -9.70
CA ARG B 348 -35.94 38.88 -8.32
C ARG B 348 -34.97 37.89 -7.65
N LEU B 349 -33.76 38.35 -7.30
CA LEU B 349 -32.59 37.53 -6.89
C LEU B 349 -32.05 37.98 -5.53
N ASN B 350 -31.94 37.05 -4.57
CA ASN B 350 -31.01 37.16 -3.41
C ASN B 350 -29.72 36.44 -3.80
N VAL B 351 -28.67 36.54 -2.98
CA VAL B 351 -27.38 35.79 -3.19
C VAL B 351 -27.70 34.29 -3.31
N THR B 352 -28.49 33.76 -2.38
CA THR B 352 -28.84 32.31 -2.27
C THR B 352 -29.35 31.83 -3.64
N LYS B 353 -30.23 32.61 -4.28
CA LYS B 353 -30.83 32.27 -5.60
C LYS B 353 -29.80 32.55 -6.70
N ALA B 354 -29.11 33.69 -6.63
CA ALA B 354 -28.07 34.11 -7.60
C ALA B 354 -27.01 33.02 -7.73
N LEU B 355 -26.64 32.39 -6.61
CA LEU B 355 -25.68 31.26 -6.55
C LEU B 355 -26.35 30.01 -7.13
N GLU B 356 -27.48 29.59 -6.53
CA GLU B 356 -28.29 28.43 -6.98
C GLU B 356 -28.35 28.40 -8.51
N GLU B 357 -28.71 29.52 -9.14
CA GLU B 357 -29.01 29.62 -10.59
C GLU B 357 -27.79 30.17 -11.34
N SER B 358 -26.67 30.41 -10.64
CA SER B 358 -25.43 31.00 -11.19
C SER B 358 -25.78 32.21 -12.06
N ALA B 359 -26.50 33.17 -11.46
CA ALA B 359 -26.92 34.44 -12.07
C ALA B 359 -25.71 35.36 -12.21
N ASP B 360 -25.38 35.79 -13.44
CA ASP B 360 -24.28 36.76 -13.72
C ASP B 360 -24.69 38.17 -13.26
N THR B 361 -25.83 38.64 -13.78
CA THR B 361 -26.45 39.95 -13.47
C THR B 361 -26.23 40.30 -11.99
N PHE B 362 -26.68 39.44 -11.08
CA PHE B 362 -26.56 39.67 -9.62
C PHE B 362 -25.12 39.99 -9.25
N PHE B 363 -24.16 39.25 -9.81
CA PHE B 363 -22.72 39.34 -9.44
C PHE B 363 -22.07 40.50 -10.22
N TYR B 364 -22.46 40.70 -11.48
CA TYR B 364 -22.10 41.91 -12.28
C TYR B 364 -22.32 43.16 -11.43
N GLN B 365 -23.49 43.25 -10.79
CA GLN B 365 -23.88 44.36 -9.87
C GLN B 365 -22.88 44.41 -8.71
N VAL B 366 -22.83 43.34 -7.91
CA VAL B 366 -22.03 43.27 -6.65
C VAL B 366 -20.58 43.69 -6.95
N ALA B 367 -20.03 43.27 -8.10
CA ALA B 367 -18.70 43.67 -8.60
C ALA B 367 -18.59 45.20 -8.61
N TYR B 368 -19.59 45.89 -9.18
CA TYR B 368 -19.68 47.36 -9.33
C TYR B 368 -19.77 48.01 -7.95
N ASP B 369 -20.71 47.54 -7.12
CA ASP B 369 -20.93 48.05 -5.74
C ASP B 369 -19.64 47.92 -4.93
N MET B 370 -19.08 46.69 -4.84
CA MET B 370 -17.84 46.38 -4.10
C MET B 370 -16.66 47.12 -4.73
N GLY B 371 -16.57 47.13 -6.06
CA GLY B 371 -15.51 47.80 -6.81
C GLY B 371 -14.21 47.04 -6.74
N ILE B 372 -13.34 47.18 -7.75
CA ILE B 372 -12.16 46.30 -7.95
C ILE B 372 -11.38 46.14 -6.65
N ASP B 373 -11.00 47.26 -5.99
CA ASP B 373 -9.95 47.27 -4.93
C ASP B 373 -10.39 46.41 -3.75
N ARG B 374 -11.64 46.50 -3.30
CA ARG B 374 -12.06 45.72 -2.09
C ARG B 374 -12.59 44.34 -2.51
N LEU B 375 -12.84 44.10 -3.81
CA LEU B 375 -13.14 42.74 -4.35
C LEU B 375 -11.83 41.95 -4.47
N SER B 376 -10.88 42.47 -5.25
CA SER B 376 -9.50 41.96 -5.42
C SER B 376 -8.93 41.57 -4.05
N SER B 377 -8.98 42.51 -3.09
CA SER B 377 -8.48 42.32 -1.69
C SER B 377 -9.06 41.04 -1.08
N TRP B 378 -10.37 40.86 -1.19
CA TRP B 378 -11.11 39.74 -0.53
C TRP B 378 -10.76 38.42 -1.20
N MET B 379 -10.59 38.40 -2.52
CA MET B 379 -10.24 37.17 -3.28
C MET B 379 -8.80 36.76 -2.96
N SER B 380 -7.89 37.74 -2.83
CA SER B 380 -6.50 37.56 -2.32
C SER B 380 -6.53 36.85 -0.96
N LYS B 381 -7.56 37.06 -0.14
CA LYS B 381 -7.76 36.37 1.16
C LYS B 381 -8.09 34.88 0.91
N PHE B 382 -8.79 34.58 -0.19
CA PHE B 382 -9.12 33.20 -0.62
C PHE B 382 -7.92 32.57 -1.37
N GLY B 383 -6.94 33.40 -1.73
CA GLY B 383 -5.62 32.95 -2.22
C GLY B 383 -5.54 32.97 -3.74
N TYR B 384 -6.50 33.61 -4.40
CA TYR B 384 -6.47 33.84 -5.87
C TYR B 384 -5.33 34.81 -6.17
N GLY B 385 -4.58 34.55 -7.25
CA GLY B 385 -3.38 35.33 -7.61
C GLY B 385 -2.16 34.94 -6.77
N GLU B 386 -2.35 34.10 -5.75
CA GLU B 386 -1.28 33.68 -4.79
C GLU B 386 -0.97 32.19 -4.98
N TYR B 387 0.30 31.82 -4.85
CA TYR B 387 0.78 30.42 -4.71
C TYR B 387 0.09 29.78 -3.49
N THR B 388 -0.52 28.61 -3.69
CA THR B 388 -1.31 27.86 -2.69
C THR B 388 -0.42 27.27 -1.59
N GLY B 389 0.88 27.10 -1.86
CA GLY B 389 1.83 26.44 -0.93
C GLY B 389 1.70 24.93 -0.96
N ILE B 390 1.16 24.39 -2.05
CA ILE B 390 1.23 22.94 -2.38
C ILE B 390 2.71 22.57 -2.50
N ASP B 391 3.10 21.39 -2.03
CA ASP B 391 4.50 20.91 -2.04
C ASP B 391 4.83 20.42 -3.45
N LEU B 392 4.81 21.31 -4.44
CA LEU B 392 5.23 21.07 -5.85
C LEU B 392 5.88 22.35 -6.37
N SER B 393 6.99 22.21 -7.10
CA SER B 393 7.80 23.35 -7.61
C SER B 393 7.24 23.85 -8.95
N GLU B 394 6.39 23.05 -9.58
CA GLU B 394 5.70 23.42 -10.84
C GLU B 394 4.33 23.99 -10.44
N GLU B 395 4.24 25.31 -10.29
CA GLU B 395 2.99 25.99 -9.89
C GLU B 395 2.99 27.40 -10.48
N ARG B 396 1.81 27.87 -10.87
CA ARG B 396 1.54 29.27 -11.29
C ARG B 396 0.61 29.89 -10.23
N ALA B 397 0.67 31.22 -10.07
CA ALA B 397 -0.18 31.97 -9.13
C ALA B 397 -1.36 32.60 -9.88
N GLY B 398 -1.38 32.51 -11.22
CA GLY B 398 -2.40 33.16 -12.06
C GLY B 398 -2.40 34.66 -11.82
N LEU B 399 -3.57 35.26 -11.57
CA LEU B 399 -3.72 36.73 -11.43
C LEU B 399 -5.07 37.09 -10.80
N MET B 400 -5.05 37.68 -9.61
CA MET B 400 -6.18 38.48 -9.05
C MET B 400 -5.91 39.94 -9.39
N PRO B 401 -6.54 40.49 -10.45
CA PRO B 401 -6.16 41.81 -10.94
C PRO B 401 -6.46 42.94 -9.94
N THR B 402 -5.64 44.00 -9.99
CA THR B 402 -5.79 45.26 -9.21
C THR B 402 -5.51 46.43 -10.14
N ARG B 403 -5.85 47.66 -9.70
CA ARG B 403 -5.47 48.91 -10.41
C ARG B 403 -3.95 48.95 -10.52
N GLU B 404 -3.28 48.79 -9.37
CA GLU B 404 -1.80 48.74 -9.22
C GLU B 404 -1.25 47.84 -10.33
N TRP B 405 -1.71 46.59 -10.37
CA TRP B 405 -1.27 45.58 -11.37
C TRP B 405 -1.51 46.12 -12.80
N LYS B 406 -2.76 46.44 -13.14
CA LYS B 406 -3.14 46.79 -14.54
C LYS B 406 -2.25 47.94 -15.01
N GLN B 407 -2.08 48.98 -14.18
CA GLN B 407 -1.23 50.15 -14.51
C GLN B 407 0.17 49.64 -14.87
N LYS B 408 0.83 48.96 -13.94
CA LYS B 408 2.20 48.40 -14.14
C LYS B 408 2.19 47.58 -15.44
N ARG B 409 1.33 46.58 -15.53
CA ARG B 409 1.34 45.58 -16.64
C ARG B 409 1.09 46.30 -17.98
N HIS B 410 -0.11 46.83 -18.18
CA HIS B 410 -0.61 47.34 -19.49
C HIS B 410 -0.30 48.84 -19.66
N LYS B 411 0.03 49.54 -18.56
CA LYS B 411 0.43 50.97 -18.57
C LYS B 411 -0.79 51.84 -18.93
N LYS B 412 -1.99 51.30 -18.70
CA LYS B 412 -3.30 52.01 -18.83
C LYS B 412 -3.98 51.96 -17.47
N PRO B 413 -4.77 52.97 -17.07
CA PRO B 413 -5.47 52.95 -15.78
C PRO B 413 -6.62 51.95 -15.80
N TRP B 414 -7.21 51.68 -14.65
CA TRP B 414 -8.29 50.67 -14.45
C TRP B 414 -9.66 51.30 -14.70
N TYR B 415 -10.37 50.84 -15.74
CA TYR B 415 -11.76 51.25 -16.09
C TYR B 415 -12.75 50.38 -15.30
N GLN B 416 -14.02 50.81 -15.23
CA GLN B 416 -15.11 50.06 -14.51
C GLN B 416 -15.47 48.81 -15.32
N GLY B 417 -15.39 48.87 -16.65
CA GLY B 417 -15.60 47.74 -17.58
C GLY B 417 -14.57 46.63 -17.40
N ASP B 418 -13.64 46.79 -16.45
CA ASP B 418 -12.67 45.75 -16.01
C ASP B 418 -13.18 45.08 -14.74
N THR B 419 -13.95 45.77 -13.89
CA THR B 419 -14.49 45.23 -12.60
C THR B 419 -15.64 44.26 -12.88
N ILE B 420 -16.38 44.44 -13.97
CA ILE B 420 -17.60 43.63 -14.24
C ILE B 420 -17.18 42.21 -14.63
N PRO B 421 -16.34 41.99 -15.66
CA PRO B 421 -15.88 40.63 -15.99
C PRO B 421 -15.39 39.85 -14.76
N VAL B 422 -14.56 40.50 -13.93
CA VAL B 422 -13.93 39.95 -12.68
C VAL B 422 -15.03 39.49 -11.70
N GLY B 423 -16.21 40.11 -11.75
CA GLY B 423 -17.34 39.79 -10.86
C GLY B 423 -17.86 38.38 -11.06
N ILE B 424 -17.60 37.78 -12.23
CA ILE B 424 -18.02 36.40 -12.61
C ILE B 424 -16.78 35.53 -12.88
N GLY B 425 -15.71 35.73 -12.11
CA GLY B 425 -14.43 35.03 -12.27
C GLY B 425 -13.93 35.00 -13.71
N GLN B 426 -14.11 36.11 -14.44
CA GLN B 426 -13.70 36.27 -15.86
C GLN B 426 -12.72 37.44 -15.95
N GLY B 427 -12.57 38.06 -17.13
CA GLY B 427 -11.68 39.20 -17.36
C GLY B 427 -10.22 38.83 -17.18
N TYR B 428 -9.45 39.67 -16.48
CA TYR B 428 -8.00 39.47 -16.21
C TYR B 428 -7.81 38.34 -15.20
N TRP B 429 -8.85 38.07 -14.40
CA TRP B 429 -8.84 37.00 -13.37
C TRP B 429 -8.50 35.65 -14.03
N THR B 430 -7.37 35.06 -13.62
CA THR B 430 -6.99 33.67 -13.95
C THR B 430 -6.66 32.94 -12.64
N ALA B 431 -6.93 31.65 -12.59
CA ALA B 431 -6.75 30.78 -11.42
C ALA B 431 -6.28 29.39 -11.86
N THR B 432 -5.57 28.69 -10.97
CA THR B 432 -5.12 27.29 -11.11
C THR B 432 -6.12 26.41 -10.39
N PRO B 433 -6.48 25.23 -10.95
CA PRO B 433 -7.38 24.31 -10.26
C PRO B 433 -7.03 24.18 -8.77
N ILE B 434 -5.74 24.19 -8.43
CA ILE B 434 -5.27 24.07 -7.01
C ILE B 434 -5.73 25.30 -6.23
N GLN B 435 -5.61 26.49 -6.83
CA GLN B 435 -6.12 27.77 -6.27
C GLN B 435 -7.62 27.60 -5.99
N MET B 436 -8.38 27.11 -6.98
CA MET B 436 -9.84 26.87 -6.86
C MET B 436 -10.10 25.86 -5.75
N ALA B 437 -9.28 24.81 -5.67
CA ALA B 437 -9.41 23.72 -4.67
C ALA B 437 -9.12 24.30 -3.29
N LYS B 438 -8.14 25.21 -3.19
CA LYS B 438 -7.76 25.85 -1.91
C LYS B 438 -8.92 26.74 -1.43
N SER B 439 -9.40 27.64 -2.30
CA SER B 439 -10.49 28.61 -1.98
C SER B 439 -11.74 27.87 -1.52
N LEU B 440 -12.04 26.71 -2.12
CA LEU B 440 -13.22 25.89 -1.71
C LEU B 440 -13.01 25.39 -0.28
N MET B 441 -11.85 24.78 0.01
CA MET B 441 -11.53 24.24 1.35
C MET B 441 -11.74 25.35 2.38
N THR B 442 -11.28 26.56 2.07
CA THR B 442 -11.41 27.78 2.93
C THR B 442 -12.90 28.02 3.21
N LEU B 443 -13.72 28.13 2.16
CA LEU B 443 -15.19 28.32 2.24
C LEU B 443 -15.80 27.22 3.10
N ILE B 444 -15.32 25.99 2.94
CA ILE B 444 -15.83 24.78 3.67
C ILE B 444 -15.53 24.94 5.16
N ASN B 445 -14.34 25.43 5.51
CA ASN B 445 -13.84 25.52 6.91
C ASN B 445 -14.22 26.88 7.51
N ASP B 446 -15.14 27.60 6.86
CA ASP B 446 -15.71 28.88 7.35
C ASP B 446 -14.60 29.92 7.47
N GLY B 447 -13.60 29.87 6.59
CA GLY B 447 -12.53 30.87 6.45
C GLY B 447 -11.22 30.45 7.10
N THR B 448 -11.20 29.30 7.78
CA THR B 448 -9.96 28.67 8.31
C THR B 448 -9.17 28.14 7.11
N VAL B 449 -8.26 28.94 6.56
CA VAL B 449 -7.43 28.60 5.36
C VAL B 449 -6.59 27.37 5.70
N LYS B 450 -6.54 26.41 4.77
CA LYS B 450 -5.67 25.20 4.85
C LYS B 450 -4.87 25.12 3.56
N THR B 451 -3.57 24.80 3.69
CA THR B 451 -2.63 24.63 2.55
C THR B 451 -2.87 23.26 1.92
N PRO B 452 -3.12 23.17 0.60
CA PRO B 452 -3.16 21.88 -0.07
C PRO B 452 -1.79 21.21 0.07
N HIS B 453 -1.76 20.01 0.64
CA HIS B 453 -0.51 19.23 0.86
C HIS B 453 -0.68 17.82 0.29
N LEU B 454 0.35 17.36 -0.42
CA LEU B 454 0.48 15.98 -0.92
C LEU B 454 1.09 15.11 0.19
N LEU B 455 2.13 15.61 0.86
CA LEU B 455 2.86 14.87 1.93
C LEU B 455 1.87 14.51 3.05
N GLN B 456 1.79 13.22 3.40
CA GLN B 456 0.97 12.73 4.53
C GLN B 456 1.88 12.50 5.74
N SER B 457 3.02 11.84 5.52
CA SER B 457 4.03 11.50 6.56
C SER B 457 5.37 11.15 5.92
N THR B 458 6.45 11.23 6.69
CA THR B 458 7.86 11.01 6.27
C THR B 458 8.46 9.94 7.19
N ARG B 459 9.15 8.93 6.63
CA ARG B 459 9.95 7.95 7.43
C ARG B 459 11.22 8.64 7.92
N ILE B 460 11.26 8.99 9.20
CA ILE B 460 12.48 9.48 9.91
C ILE B 460 12.85 8.45 10.99
N ASP B 461 13.90 7.65 10.75
CA ASP B 461 14.41 6.62 11.68
C ASP B 461 13.30 5.60 11.95
N GLY B 462 12.72 5.04 10.89
CA GLY B 462 11.69 3.96 10.98
C GLY B 462 10.42 4.44 11.65
N VAL B 463 10.26 5.75 11.83
CA VAL B 463 9.04 6.38 12.39
C VAL B 463 8.39 7.22 11.29
N LEU B 464 7.09 7.03 11.08
CA LEU B 464 6.25 7.91 10.21
C LEU B 464 5.94 9.17 11.02
N VAL B 465 6.55 10.29 10.64
CA VAL B 465 6.26 11.62 11.23
C VAL B 465 5.23 12.29 10.35
N PRO B 466 4.02 12.64 10.88
CA PRO B 466 2.95 13.19 10.06
C PRO B 466 3.22 14.66 9.70
N TYR B 467 2.77 15.10 8.52
CA TYR B 467 2.98 16.46 7.98
C TYR B 467 1.80 17.34 8.41
N LYS B 468 2.04 18.23 9.39
CA LYS B 468 1.03 19.13 10.00
C LYS B 468 1.68 20.51 10.20
N GLN B 469 1.14 21.54 9.52
CA GLN B 469 1.67 22.94 9.56
C GLN B 469 0.52 23.89 9.94
N ASP B 471 0.85 27.56 10.07
CA ASP B 471 0.53 27.94 8.65
C ASP B 471 -0.98 28.18 8.50
N SER B 472 -1.83 27.67 9.40
CA SER B 472 -3.31 27.87 9.40
C SER B 472 -3.67 29.33 9.72
N THR B 473 -4.03 30.10 8.69
CA THR B 473 -4.56 31.49 8.74
C THR B 473 -6.05 31.44 9.11
N GLN B 474 -6.70 32.60 9.12
CA GLN B 474 -8.18 32.76 9.15
C GLN B 474 -8.51 34.03 8.37
N ILE B 475 -9.69 34.12 7.75
CA ILE B 475 -10.18 35.35 7.05
C ILE B 475 -11.62 35.63 7.50
N GLY B 476 -11.92 36.88 7.83
CA GLY B 476 -13.20 37.30 8.43
C GLY B 476 -13.51 36.53 9.69
N SER B 477 -14.79 36.44 10.05
CA SER B 477 -15.27 35.77 11.30
C SER B 477 -15.89 34.41 10.94
N ILE B 478 -15.36 33.35 11.57
CA ILE B 478 -15.84 31.92 11.46
C ILE B 478 -17.32 31.86 11.83
N ASN B 479 -17.74 32.65 12.83
CA ASN B 479 -19.11 32.63 13.43
C ASN B 479 -20.07 33.48 12.58
N SER B 480 -19.59 34.23 11.58
CA SER B 480 -20.43 34.93 10.58
C SER B 480 -21.20 33.87 9.77
N GLY B 481 -22.53 33.98 9.71
CA GLY B 481 -23.40 33.00 9.03
C GLY B 481 -23.38 33.17 7.52
N TYR B 482 -22.31 33.78 6.98
CA TYR B 482 -22.13 34.15 5.56
C TYR B 482 -21.61 32.95 4.77
N TRP B 483 -20.72 32.18 5.39
CA TRP B 483 -20.19 30.90 4.83
C TRP B 483 -21.38 29.95 4.62
N GLU B 484 -22.21 29.79 5.65
CA GLU B 484 -23.38 28.86 5.68
C GLU B 484 -24.32 29.18 4.52
N ILE B 485 -24.51 30.46 4.20
CA ILE B 485 -25.42 30.94 3.12
C ILE B 485 -24.77 30.64 1.76
N ALA B 486 -23.52 31.09 1.57
CA ALA B 486 -22.72 30.85 0.34
C ALA B 486 -22.68 29.36 0.02
N LYS B 487 -22.40 28.53 1.03
CA LYS B 487 -22.39 27.04 0.95
C LYS B 487 -23.80 26.53 0.64
N ASP B 488 -24.82 27.07 1.31
CA ASP B 488 -26.23 26.68 1.12
C ASP B 488 -26.61 26.90 -0.36
N GLY B 489 -26.22 28.04 -0.93
CA GLY B 489 -26.35 28.30 -2.37
C GLY B 489 -25.85 27.12 -3.17
N MET B 490 -24.64 26.65 -2.86
CA MET B 490 -23.99 25.51 -3.54
C MET B 490 -24.80 24.25 -3.25
N TYR B 491 -25.28 24.08 -2.01
CA TYR B 491 -26.24 23.00 -1.64
C TYR B 491 -27.39 23.03 -2.65
N GLY B 492 -27.86 24.23 -3.00
CA GLY B 492 -28.93 24.47 -3.98
C GLY B 492 -28.51 24.11 -5.39
N VAL B 493 -27.32 24.53 -5.80
CA VAL B 493 -26.77 24.28 -7.16
C VAL B 493 -26.90 22.79 -7.50
N ALA B 494 -26.95 21.91 -6.49
CA ALA B 494 -26.89 20.44 -6.65
C ALA B 494 -28.24 19.77 -6.32
N ASN B 495 -28.92 20.23 -5.26
CA ASN B 495 -30.04 19.51 -4.62
C ASN B 495 -31.39 20.12 -5.03
N ARG B 496 -31.45 21.43 -5.26
CA ARG B 496 -32.71 22.18 -5.51
C ARG B 496 -32.98 22.28 -7.00
N PRO B 497 -34.26 22.41 -7.41
CA PRO B 497 -34.64 22.27 -8.81
C PRO B 497 -34.19 23.43 -9.72
N ASN B 498 -33.97 24.61 -9.14
CA ASN B 498 -33.46 25.80 -9.87
C ASN B 498 -31.94 25.69 -10.01
N GLY B 499 -31.29 24.86 -9.19
CA GLY B 499 -29.83 24.63 -9.16
C GLY B 499 -29.25 24.34 -10.54
N THR B 500 -28.01 24.76 -10.78
CA THR B 500 -27.30 24.56 -12.09
C THR B 500 -26.95 23.07 -12.25
N GLY B 501 -26.53 22.41 -11.17
CA GLY B 501 -25.99 21.04 -11.20
C GLY B 501 -26.94 20.00 -10.61
N ARG B 502 -28.22 20.34 -10.40
CA ARG B 502 -29.25 19.43 -9.83
C ARG B 502 -29.28 18.11 -10.62
N LYS B 503 -29.13 18.18 -11.95
CA LYS B 503 -29.22 16.99 -12.85
C LYS B 503 -28.09 15.99 -12.54
N PHE B 504 -26.93 16.47 -12.09
CA PHE B 504 -25.69 15.66 -11.89
C PHE B 504 -25.75 14.92 -10.55
N PHE B 505 -26.38 15.49 -9.52
CA PHE B 505 -26.53 14.90 -8.17
C PHE B 505 -27.97 14.39 -7.99
N GLU B 506 -28.49 13.72 -9.02
CA GLU B 506 -29.82 13.08 -8.99
C GLU B 506 -29.71 11.81 -8.14
N GLY B 507 -30.29 11.83 -6.94
CA GLY B 507 -30.40 10.66 -6.03
C GLY B 507 -29.06 10.26 -5.46
N THR B 508 -28.33 11.19 -4.87
CA THR B 508 -27.07 10.94 -4.12
C THR B 508 -27.45 10.47 -2.71
N PRO B 509 -26.97 9.29 -2.26
CA PRO B 509 -27.19 8.86 -0.87
C PRO B 509 -26.70 9.92 0.13
N TYR B 510 -25.61 10.62 -0.23
CA TYR B 510 -25.00 11.77 0.47
C TYR B 510 -25.62 13.08 -0.07
N LYS B 511 -25.45 14.18 0.67
CA LYS B 511 -25.90 15.53 0.27
C LYS B 511 -24.69 16.35 -0.19
N ALA B 512 -24.59 16.61 -1.49
CA ALA B 512 -23.46 17.30 -2.15
C ALA B 512 -23.76 18.80 -2.35
N ALA B 513 -22.73 19.64 -2.24
CA ALA B 513 -22.76 21.08 -2.59
C ALA B 513 -21.78 21.33 -3.74
N ALA B 514 -22.19 22.09 -4.76
CA ALA B 514 -21.42 22.34 -5.99
C ALA B 514 -21.57 23.80 -6.42
N LYS B 515 -20.61 24.31 -7.20
CA LYS B 515 -20.73 25.55 -7.98
C LYS B 515 -20.09 25.31 -9.35
N SER B 516 -20.91 25.03 -10.36
CA SER B 516 -20.54 24.92 -11.79
C SER B 516 -19.90 26.23 -12.26
N GLY B 517 -19.33 26.23 -13.46
CA GLY B 517 -18.72 27.42 -14.08
C GLY B 517 -18.33 27.16 -15.52
N THR B 518 -18.44 28.18 -16.37
CA THR B 518 -18.14 28.11 -17.83
C THR B 518 -17.33 29.36 -18.19
N ALA B 519 -16.14 29.18 -18.76
CA ALA B 519 -15.12 30.25 -18.91
C ALA B 519 -14.92 30.57 -20.39
N GLN B 520 -14.71 31.86 -20.70
CA GLN B 520 -14.69 32.45 -22.05
C GLN B 520 -16.11 32.47 -22.62
N LEU B 536 -13.01 27.68 -30.54
CA LEU B 536 -12.52 27.51 -29.14
C LEU B 536 -13.71 27.50 -28.17
N ARG B 537 -14.31 26.33 -27.97
CA ARG B 537 -15.38 26.05 -26.99
C ARG B 537 -14.92 26.49 -25.58
N ASP B 538 -15.88 26.90 -24.76
CA ASP B 538 -15.68 27.37 -23.36
C ASP B 538 -15.13 26.22 -22.50
N HIS B 539 -14.23 26.54 -21.56
CA HIS B 539 -13.83 25.62 -20.45
C HIS B 539 -15.07 25.34 -19.61
N LYS B 540 -15.18 24.14 -19.03
CA LYS B 540 -16.26 23.76 -18.12
C LYS B 540 -15.63 23.40 -16.78
N LEU B 541 -16.08 24.07 -15.71
CA LEU B 541 -15.48 24.03 -14.37
C LEU B 541 -16.51 23.54 -13.36
N MET B 542 -16.07 22.77 -12.38
CA MET B 542 -16.90 22.45 -11.20
C MET B 542 -16.01 22.26 -9.98
N VAL B 543 -16.19 23.14 -9.00
CA VAL B 543 -15.84 22.86 -7.59
C VAL B 543 -17.09 22.25 -6.96
N ALA B 544 -16.91 21.38 -5.97
CA ALA B 544 -18.00 20.68 -5.25
C ALA B 544 -17.42 20.01 -4.01
N PHE B 545 -18.25 19.70 -3.03
CA PHE B 545 -17.84 19.02 -1.79
C PHE B 545 -19.02 18.25 -1.20
N ALA B 546 -18.72 17.33 -0.28
CA ALA B 546 -19.69 16.40 0.33
C ALA B 546 -19.03 15.68 1.52
N PRO B 547 -19.81 15.00 2.38
CA PRO B 547 -21.26 15.21 2.47
C PRO B 547 -21.52 16.57 3.12
N TYR B 548 -22.25 17.47 2.43
CA TYR B 548 -22.54 18.87 2.84
C TYR B 548 -22.75 18.92 4.36
N GLU B 549 -23.60 18.02 4.86
CA GLU B 549 -23.95 17.89 6.30
C GLU B 549 -22.69 18.03 7.18
N ASN B 550 -21.58 17.37 6.83
CA ASN B 550 -20.25 17.54 7.49
C ASN B 550 -19.16 17.02 6.56
N PRO B 551 -18.58 17.88 5.68
CA PRO B 551 -17.85 17.42 4.50
C PRO B 551 -16.49 16.77 4.79
N THR B 552 -16.16 15.73 4.02
CA THR B 552 -14.88 14.97 4.09
C THR B 552 -14.22 14.87 2.70
N VAL B 553 -14.83 15.44 1.66
CA VAL B 553 -14.26 15.51 0.29
C VAL B 553 -14.64 16.85 -0.35
N SER B 554 -13.73 17.41 -1.16
CA SER B 554 -13.98 18.55 -2.07
C SER B 554 -13.25 18.29 -3.38
N VAL B 555 -13.83 18.71 -4.51
CA VAL B 555 -13.28 18.50 -5.86
C VAL B 555 -13.20 19.84 -6.59
N ALA B 556 -12.16 20.00 -7.40
CA ALA B 556 -12.03 21.09 -8.39
C ALA B 556 -11.63 20.45 -9.71
N ILE B 557 -12.59 20.30 -10.61
CA ILE B 557 -12.34 19.70 -11.94
C ILE B 557 -12.54 20.82 -12.96
N ILE B 558 -11.69 20.83 -13.99
CA ILE B 558 -11.87 21.65 -15.21
C ILE B 558 -11.53 20.76 -16.41
N LEU B 559 -12.35 20.85 -17.46
CA LEU B 559 -12.14 20.21 -18.77
C LEU B 559 -11.90 21.31 -19.80
N GLU B 560 -10.64 21.60 -20.11
CA GLU B 560 -10.24 22.63 -21.12
C GLU B 560 -11.12 22.47 -22.37
N ASN B 561 -11.77 23.54 -22.81
CA ASN B 561 -12.58 23.60 -24.05
C ASN B 561 -13.70 22.57 -23.97
N GLY B 562 -14.36 22.49 -22.80
CA GLY B 562 -15.40 21.50 -22.49
C GLY B 562 -14.80 20.13 -22.26
N GLY B 563 -15.60 19.18 -21.76
CA GLY B 563 -15.20 17.76 -21.66
C GLY B 563 -14.93 17.17 -23.03
N ALA B 564 -13.95 16.26 -23.14
CA ALA B 564 -13.71 15.45 -24.36
C ALA B 564 -15.06 14.86 -24.79
N GLY B 565 -15.83 14.39 -23.80
CA GLY B 565 -17.20 13.87 -23.96
C GLY B 565 -18.05 14.18 -22.73
N PRO B 566 -17.78 13.56 -21.55
CA PRO B 566 -18.65 13.69 -20.39
C PRO B 566 -18.60 15.12 -19.84
N ALA B 567 -19.71 15.55 -19.23
CA ALA B 567 -19.85 16.88 -18.57
C ALA B 567 -18.96 16.92 -17.33
N VAL B 568 -18.48 18.11 -16.97
CA VAL B 568 -17.68 18.33 -15.74
C VAL B 568 -18.52 17.89 -14.53
N GLY B 569 -19.82 18.18 -14.53
CA GLY B 569 -20.75 17.79 -13.46
C GLY B 569 -20.86 16.28 -13.35
N THR B 570 -20.95 15.59 -14.50
CA THR B 570 -21.02 14.11 -14.61
C THR B 570 -19.85 13.52 -13.81
N ILE B 571 -18.62 13.92 -14.16
CA ILE B 571 -17.36 13.41 -13.58
C ILE B 571 -17.30 13.72 -12.08
N THR B 572 -17.66 14.93 -11.67
CA THR B 572 -17.72 15.35 -10.25
C THR B 572 -18.61 14.37 -9.47
N ARG B 573 -19.77 14.01 -10.03
CA ARG B 573 -20.67 13.00 -9.44
C ARG B 573 -19.88 11.70 -9.28
N GLN B 574 -19.34 11.19 -10.38
CA GLN B 574 -18.60 9.89 -10.44
C GLN B 574 -17.52 9.87 -9.36
N ILE B 575 -16.76 10.96 -9.22
CA ILE B 575 -15.63 11.08 -8.24
C ILE B 575 -16.19 11.02 -6.82
N LEU B 576 -17.21 11.81 -6.52
CA LEU B 576 -17.84 11.86 -5.18
C LEU B 576 -18.48 10.52 -4.85
N ASP B 577 -19.06 9.85 -5.86
CA ASP B 577 -19.61 8.47 -5.76
C ASP B 577 -18.51 7.54 -5.24
N HIS B 578 -17.44 7.39 -6.02
CA HIS B 578 -16.28 6.51 -5.77
C HIS B 578 -15.78 6.62 -4.32
N ILE B 579 -15.56 7.84 -3.82
CA ILE B 579 -14.94 8.10 -2.47
C ILE B 579 -15.97 7.80 -1.37
N LEU B 580 -17.21 8.28 -1.51
CA LEU B 580 -18.22 8.31 -0.42
C LEU B 580 -18.99 6.99 -0.31
N LEU B 581 -19.09 6.20 -1.40
CA LEU B 581 -19.80 4.89 -1.40
C LEU B 581 -18.85 3.78 -0.97
C DH4 C . -15.20 -36.81 5.95
N DH4 C . -16.61 -38.31 7.28
O DH4 C . -14.46 -36.56 6.85
CA DH4 C . -16.60 -37.36 6.17
CAC DH4 C . -16.77 -37.85 8.46
CAE DH4 C . -20.05 -39.31 10.62
CAF DH4 C . -19.99 -37.81 10.66
CAG DH4 C . -19.51 -39.90 9.33
CAH DH4 C . -18.68 -37.23 11.15
CAI DH4 C . -18.01 -39.86 9.20
CAJ DH4 C . -17.43 -38.04 10.81
NAL DH4 C . -17.40 -38.54 9.42
N1 DH4 C . -17.45 -35.14 5.49
C3 DH4 C . -18.56 -34.29 5.91
C4 DH4 C . -19.77 -35.21 5.65
S1 DH4 C . -19.26 -36.74 6.54
C6 DH4 C . -17.51 -36.20 6.50
C1 DH4 C . -19.99 -35.56 4.18
C2 DH4 C . -21.05 -34.67 6.28
C5 DH4 C . -18.57 -32.95 5.15
O1 DH4 C . -18.08 -32.96 4.04
O2 DH4 C . -19.04 -31.99 5.75
C DH4 D . -20.21 31.75 -14.45
N DH4 D . -21.03 32.91 -16.44
O DH4 D . -19.05 31.80 -14.79
CA DH4 D . -21.37 31.91 -15.42
CAC DH4 D . -20.35 32.53 -17.45
CAE DH4 D . -22.87 33.96 -20.90
CAF DH4 D . -21.90 33.01 -21.58
CAG DH4 D . -22.71 34.07 -19.41
CAH DH4 D . -21.48 31.81 -20.75
CAI DH4 D . -21.27 34.23 -18.96
CAJ DH4 D . -20.28 32.09 -19.86
NAL DH4 D . -20.60 32.94 -18.70
N1 DH4 D . -21.78 29.50 -15.12
C3 DH4 D . -22.20 28.40 -15.98
C4 DH4 D . -23.58 28.92 -16.49
S1 DH4 D . -23.14 30.61 -17.08
C6 DH4 D . -21.60 30.58 -16.09
C1 DH4 D . -24.63 29.08 -15.41
C2 DH4 D . -24.09 28.10 -17.66
C5 DH4 D . -22.24 27.07 -15.23
O1 DH4 D . -22.45 27.13 -14.03
O2 DH4 D . -22.02 26.07 -15.88
#